data_7WJB
#
_entry.id   7WJB
#
_cell.length_a   151.362
_cell.length_b   151.362
_cell.length_c   177.263
_cell.angle_alpha   90.000
_cell.angle_beta   90.000
_cell.angle_gamma   120.000
#
_symmetry.space_group_name_H-M   'P 63 2 2'
#
loop_
_entity.id
_entity.type
_entity.pdbx_description
1 polymer Alpha-xylosidase
2 non-polymer alpha-D-glucopyranose
3 non-polymer beta-D-glucopyranose
4 non-polymer 1,2-ETHANEDIOL
5 water water
#
_entity_poly.entity_id   1
_entity_poly.type   'polypeptide(L)'
_entity_poly.pdbx_seq_one_letter_code
;MGSSHHHHHHSSGLVPRGSHMVSELESKYMNNNIIKFDKARFTVLTEHLIRIEYSETGEFEERMTQMVQNREFSEVNFDI
IEKEETIEIITSTVHLYYNGGEFTNASLFADVKFNFSVYSNRWYFGEKSDGNLKGTTRTLDMIDGECPLEDGIMSKNGFA
VLADKGKVLTEVGDIAGNSVSTIDLYLFAYGRDYRQALKDFYQLTGNTPKLPRFALGNWWSRYYDYSDKSYLALMDKFTD
KKVPLSVSVIDMDWHKVSEVPSRFGSGWTGYSWNKKLFPNPENFIDELHQRKLKVTLNDHPADGIRAFEDPYPQVAQTLD
LNTELEEAAKFDFDNLKFRKAYFEEVHGPLEKEGVDFWWIDWQQGAISKSGVDPLWLLNHYQYQNAQKKHKNNIILSRYA
GPGSHRYPLGFSGDSVISWASLDFQPYFTSTASNIGYTWWSHDIGGHMQGYKDAELSLRWLQFGVFSPINRLHSSKSEFT
SKEPWHFDAVIEQSMIDFLQLRHQLIPYLYSANLITASEGRALVEPLYYEYPMEEEAYQHRNQYLFGEQLMVAPITEKMN
SLLQMGSVEVWFPEGTWYDFFSGQPYDGKVSLKVYREITEMPVFAKAGAIIPLDKNPLKKEEIPSEIIWKIFPGADGEYL
LLEEDNETKAEFVNGIFTVTSKKESSRKHTIIYGEHEIVSAKRGEFSIDLNGKEENFDWNFSTALFRRLDIAEISYEQKD
EILQQLSLIEEHEKQVAFIKTNENQELQNSLFELLYSGK
;
_entity_poly.pdbx_strand_id   A
#
loop_
_chem_comp.id
_chem_comp.type
_chem_comp.name
_chem_comp.formula
BGC D-saccharide, beta linking beta-D-glucopyranose 'C6 H12 O6'
EDO non-polymer 1,2-ETHANEDIOL 'C2 H6 O2'
GLC D-saccharide, alpha linking alpha-D-glucopyranose 'C6 H12 O6'
#
# COMPACT_ATOMS: atom_id res chain seq x y z
N ASN A 31 24.76 15.32 -22.11
CA ASN A 31 25.99 16.18 -22.30
C ASN A 31 25.60 17.62 -22.69
N ASN A 32 24.70 17.85 -23.65
CA ASN A 32 24.05 19.18 -23.84
C ASN A 32 23.12 19.51 -22.67
N ASN A 33 22.55 18.48 -21.99
CA ASN A 33 21.66 18.65 -20.81
C ASN A 33 22.51 18.86 -19.54
N ILE A 34 23.84 18.96 -19.65
CA ILE A 34 24.79 19.11 -18.51
C ILE A 34 25.45 20.48 -18.59
N ILE A 35 25.52 21.20 -17.48
CA ILE A 35 26.14 22.55 -17.40
C ILE A 35 27.00 22.58 -16.15
N LYS A 36 28.28 22.94 -16.27
CA LYS A 36 29.14 23.21 -15.10
C LYS A 36 29.25 24.72 -14.95
N PHE A 37 29.31 25.19 -13.72
CA PHE A 37 29.55 26.61 -13.40
C PHE A 37 30.19 26.64 -12.03
N ASP A 38 31.30 27.36 -11.86
CA ASP A 38 32.07 27.41 -10.59
C ASP A 38 32.27 25.94 -10.17
N LYS A 39 31.97 25.56 -8.93
CA LYS A 39 32.22 24.14 -8.51
C LYS A 39 30.93 23.32 -8.59
N ALA A 40 29.97 23.74 -9.40
CA ALA A 40 28.62 23.14 -9.46
C ALA A 40 28.41 22.42 -10.79
N ARG A 41 27.55 21.42 -10.79
CA ARG A 41 27.07 20.75 -12.01
C ARG A 41 25.56 20.58 -11.93
N PHE A 42 24.88 20.92 -13.04
CA PHE A 42 23.41 20.94 -13.25
C PHE A 42 23.14 20.01 -14.42
N THR A 43 22.20 19.10 -14.27
CA THR A 43 21.77 18.16 -15.30
C THR A 43 20.27 18.34 -15.46
N VAL A 44 19.86 18.83 -16.63
CA VAL A 44 18.42 19.00 -16.92
C VAL A 44 17.90 17.65 -17.42
N LEU A 45 17.35 16.86 -16.52
CA LEU A 45 16.89 15.47 -16.85
C LEU A 45 15.54 15.49 -17.56
N THR A 46 14.57 16.27 -17.06
CA THR A 46 13.30 16.61 -17.76
C THR A 46 13.17 18.12 -17.67
N GLU A 47 12.13 18.69 -18.29
CA GLU A 47 11.83 20.14 -18.15
C GLU A 47 11.52 20.46 -16.67
N HIS A 48 11.29 19.42 -15.87
CA HIS A 48 10.70 19.56 -14.52
C HIS A 48 11.61 18.90 -13.47
N LEU A 49 12.80 18.44 -13.87
CA LEU A 49 13.72 17.68 -12.97
C LEU A 49 15.16 18.06 -13.28
N ILE A 50 15.82 18.69 -12.31
CA ILE A 50 17.24 19.11 -12.46
C ILE A 50 18.06 18.53 -11.30
N ARG A 51 19.14 17.82 -11.63
CA ARG A 51 20.17 17.37 -10.65
C ARG A 51 21.13 18.54 -10.44
N ILE A 52 21.45 18.77 -9.18
CA ILE A 52 22.25 19.93 -8.72
C ILE A 52 23.37 19.32 -7.88
N GLU A 53 24.62 19.49 -8.30
CA GLU A 53 25.77 18.88 -7.59
C GLU A 53 26.81 19.94 -7.19
N TYR A 54 27.53 19.67 -6.12
CA TYR A 54 28.71 20.43 -5.71
C TYR A 54 29.87 19.47 -5.51
N SER A 55 31.05 19.87 -5.99
CA SER A 55 32.34 19.12 -5.86
C SER A 55 33.45 20.13 -5.58
N GLU A 56 34.09 20.02 -4.42
CA GLU A 56 35.37 20.69 -4.08
C GLU A 56 36.45 20.25 -5.09
N THR A 57 36.52 18.94 -5.37
CA THR A 57 37.61 18.33 -6.19
C THR A 57 37.41 18.54 -7.70
N GLY A 58 36.34 19.20 -8.19
CA GLY A 58 36.03 19.27 -9.63
C GLY A 58 35.62 17.94 -10.25
N GLU A 59 35.63 16.84 -9.51
CA GLU A 59 35.08 15.57 -10.00
C GLU A 59 33.63 15.45 -9.49
N PHE A 60 32.70 15.05 -10.36
CA PHE A 60 31.26 14.85 -10.06
C PHE A 60 30.92 13.37 -10.24
N GLU A 61 29.82 12.92 -9.63
CA GLU A 61 29.55 11.48 -9.39
C GLU A 61 28.69 10.95 -10.52
N GLU A 62 29.16 9.92 -11.20
CA GLU A 62 28.41 9.18 -12.25
C GLU A 62 27.83 7.88 -11.73
N ARG A 63 28.35 7.33 -10.65
CA ARG A 63 27.88 6.05 -10.09
C ARG A 63 26.42 6.20 -9.61
N MET A 64 25.70 5.08 -9.63
CA MET A 64 24.41 4.93 -8.93
C MET A 64 24.65 5.16 -7.42
N THR A 65 23.58 5.49 -6.70
CA THR A 65 23.55 5.61 -5.22
C THR A 65 22.50 4.65 -4.66
N GLN A 66 22.40 4.57 -3.34
CA GLN A 66 21.34 3.79 -2.67
C GLN A 66 20.00 4.24 -3.28
N MET A 67 19.83 5.54 -3.52
CA MET A 67 18.54 6.04 -4.05
C MET A 67 18.46 5.96 -5.58
N VAL A 68 19.49 6.40 -6.30
CA VAL A 68 19.37 6.67 -7.76
C VAL A 68 19.94 5.50 -8.56
N GLN A 69 19.18 4.95 -9.50
CA GLN A 69 19.62 3.78 -10.29
C GLN A 69 19.88 4.15 -11.75
N ASN A 70 19.46 5.32 -12.22
CA ASN A 70 19.42 5.64 -13.66
C ASN A 70 19.30 7.17 -13.85
N ARG A 71 20.27 7.78 -14.52
CA ARG A 71 20.23 9.21 -14.85
C ARG A 71 20.11 9.35 -16.38
N GLU A 72 19.75 8.27 -17.09
CA GLU A 72 19.53 8.31 -18.58
C GLU A 72 18.10 8.76 -18.84
N PHE A 73 17.94 9.94 -19.40
CA PHE A 73 16.64 10.55 -19.72
C PHE A 73 16.80 11.14 -21.11
N SER A 74 15.74 11.16 -21.87
CA SER A 74 15.66 11.75 -23.23
C SER A 74 15.93 13.26 -23.12
N GLU A 75 16.50 13.83 -24.18
CA GLU A 75 17.04 15.22 -24.15
C GLU A 75 15.84 16.17 -24.09
N VAL A 76 15.99 17.34 -23.45
CA VAL A 76 14.87 18.31 -23.41
C VAL A 76 15.45 19.67 -23.72
N ASN A 77 14.58 20.52 -24.20
CA ASN A 77 14.86 21.94 -24.46
C ASN A 77 14.93 22.67 -23.12
N PHE A 78 15.84 23.63 -23.00
CA PHE A 78 15.84 24.65 -21.94
C PHE A 78 16.70 25.80 -22.39
N ASP A 79 16.77 26.87 -21.63
CA ASP A 79 17.65 28.04 -21.91
C ASP A 79 18.56 28.34 -20.73
N ILE A 80 19.66 29.03 -21.02
CA ILE A 80 20.71 29.37 -20.04
C ILE A 80 20.98 30.86 -20.21
N ILE A 81 21.09 31.60 -19.12
CA ILE A 81 21.68 32.95 -19.10
C ILE A 81 22.91 32.87 -18.22
N GLU A 82 24.10 32.83 -18.84
CA GLU A 82 25.40 32.67 -18.16
C GLU A 82 26.12 34.00 -18.27
N LYS A 83 26.53 34.53 -17.13
CA LYS A 83 27.38 35.73 -17.00
C LYS A 83 28.70 35.30 -16.35
N GLU A 84 29.50 36.27 -15.97
CA GLU A 84 30.81 36.06 -15.34
C GLU A 84 30.56 35.43 -13.97
N GLU A 85 29.60 35.97 -13.22
CA GLU A 85 29.43 35.71 -11.76
C GLU A 85 28.21 34.81 -11.46
N THR A 86 27.29 34.62 -12.42
CA THR A 86 25.95 34.03 -12.13
C THR A 86 25.53 33.18 -13.31
N ILE A 87 24.62 32.24 -13.05
CA ILE A 87 23.97 31.40 -14.09
C ILE A 87 22.51 31.22 -13.73
N GLU A 88 21.64 31.19 -14.74
CA GLU A 88 20.18 30.95 -14.63
C GLU A 88 19.88 29.87 -15.65
N ILE A 89 19.23 28.79 -15.21
CA ILE A 89 18.74 27.71 -16.09
C ILE A 89 17.22 27.84 -16.14
N ILE A 90 16.63 27.90 -17.34
CA ILE A 90 15.18 28.20 -17.53
C ILE A 90 14.54 27.01 -18.25
N THR A 91 13.50 26.43 -17.67
CA THR A 91 12.69 25.36 -18.29
C THR A 91 11.27 25.90 -18.42
N SER A 92 10.37 25.09 -18.95
CA SER A 92 8.94 25.45 -19.00
C SER A 92 8.39 25.75 -17.59
N THR A 93 8.93 25.18 -16.49
CA THR A 93 8.30 25.30 -15.14
C THR A 93 9.21 25.97 -14.11
N VAL A 94 10.50 26.18 -14.36
CA VAL A 94 11.39 26.71 -13.28
C VAL A 94 12.51 27.59 -13.82
N HIS A 95 12.87 28.58 -13.01
CA HIS A 95 14.12 29.35 -13.10
C HIS A 95 15.01 28.88 -11.96
N LEU A 96 16.13 28.22 -12.24
CA LEU A 96 17.12 27.84 -11.20
C LEU A 96 18.28 28.83 -11.28
N TYR A 97 18.60 29.47 -10.17
CA TYR A 97 19.71 30.45 -10.13
C TYR A 97 20.87 29.95 -9.28
N TYR A 98 22.09 30.25 -9.72
CA TYR A 98 23.32 30.00 -8.92
C TYR A 98 24.24 31.20 -9.10
N ASN A 99 24.60 31.81 -7.96
CA ASN A 99 25.42 33.05 -7.86
C ASN A 99 26.89 32.72 -7.62
N GLY A 100 27.29 31.45 -7.67
CA GLY A 100 28.66 30.99 -7.40
C GLY A 100 28.97 30.84 -5.91
N GLY A 101 30.13 30.24 -5.64
CA GLY A 101 30.64 29.92 -4.29
C GLY A 101 29.99 28.68 -3.73
N GLU A 102 30.11 28.52 -2.41
CA GLU A 102 29.41 27.44 -1.67
C GLU A 102 27.88 27.65 -1.79
N PHE A 103 27.19 26.53 -1.85
CA PHE A 103 25.70 26.49 -1.82
C PHE A 103 25.24 26.98 -0.45
N THR A 104 24.45 28.06 -0.48
CA THR A 104 23.79 28.67 0.68
C THR A 104 22.37 29.03 0.23
N ASN A 105 21.54 29.40 1.19
CA ASN A 105 20.17 29.87 0.90
C ASN A 105 20.22 31.10 -0.02
N ALA A 106 21.33 31.82 -0.05
CA ALA A 106 21.50 33.08 -0.82
C ALA A 106 22.06 32.78 -2.23
N SER A 107 22.87 31.74 -2.35
CA SER A 107 23.66 31.46 -3.58
C SER A 107 22.91 30.54 -4.52
N LEU A 108 21.99 29.72 -4.00
CA LEU A 108 21.31 28.67 -4.80
C LEU A 108 19.83 28.67 -4.46
N PHE A 109 18.99 28.98 -5.45
CA PHE A 109 17.54 29.21 -5.25
C PHE A 109 16.81 29.17 -6.62
N ALA A 110 15.49 29.04 -6.62
CA ALA A 110 14.70 28.76 -7.83
C ALA A 110 13.31 29.36 -7.67
N ASP A 111 12.77 29.95 -8.72
CA ASP A 111 11.38 30.44 -8.81
C ASP A 111 10.61 29.51 -9.75
N VAL A 112 9.48 28.95 -9.30
CA VAL A 112 8.65 28.14 -10.23
C VAL A 112 7.82 29.13 -11.05
N LYS A 113 7.47 28.70 -12.26
CA LYS A 113 6.62 29.47 -13.22
C LYS A 113 5.17 29.00 -13.07
N PHE A 114 4.68 29.10 -11.85
CA PHE A 114 3.31 28.72 -11.45
C PHE A 114 2.83 29.78 -10.48
N ASN A 115 1.52 29.88 -10.28
CA ASN A 115 0.96 30.84 -9.31
C ASN A 115 0.10 30.07 -8.31
N PHE A 116 0.52 28.88 -7.86
CA PHE A 116 -0.31 28.12 -6.88
C PHE A 116 -0.33 28.86 -5.54
N SER A 117 0.62 29.75 -5.29
CA SER A 117 0.65 30.52 -4.02
C SER A 117 0.96 31.97 -4.32
N VAL A 118 0.83 32.83 -3.32
CA VAL A 118 1.18 34.27 -3.53
C VAL A 118 2.69 34.47 -3.31
N TYR A 119 3.36 33.77 -2.36
CA TYR A 119 4.81 34.03 -2.13
C TYR A 119 5.52 32.82 -1.52
N SER A 120 5.09 31.62 -1.91
CA SER A 120 5.78 30.34 -1.60
C SER A 120 6.18 29.67 -2.92
N ASN A 121 6.60 30.46 -3.90
CA ASN A 121 6.95 29.96 -5.28
C ASN A 121 8.47 29.96 -5.42
N ARG A 122 9.20 30.14 -4.31
CA ARG A 122 10.68 30.18 -4.34
C ARG A 122 11.29 29.09 -3.45
N TRP A 123 12.18 28.29 -4.00
CA TRP A 123 13.02 27.32 -3.26
C TRP A 123 14.31 28.01 -2.84
N TYR A 124 14.74 27.86 -1.59
CA TYR A 124 16.09 28.31 -1.15
C TYR A 124 16.84 27.09 -0.67
N PHE A 125 18.08 26.91 -1.10
CA PHE A 125 18.90 25.76 -0.71
C PHE A 125 18.89 25.73 0.83
N GLY A 126 18.65 24.56 1.40
CA GLY A 126 18.76 24.29 2.83
C GLY A 126 17.53 24.72 3.62
N GLU A 127 16.49 25.24 2.97
CA GLU A 127 15.30 25.83 3.66
C GLU A 127 14.06 25.02 3.28
N LYS A 128 13.07 25.01 4.14
CA LYS A 128 11.79 24.29 3.85
C LYS A 128 10.82 25.34 3.37
N SER A 129 9.95 24.97 2.43
CA SER A 129 8.80 25.78 2.01
C SER A 129 7.50 25.09 2.40
N ASP A 130 6.37 25.81 2.37
CA ASP A 130 5.01 25.23 2.57
C ASP A 130 4.66 24.40 1.35
N GLY A 131 3.71 23.52 1.52
CA GLY A 131 2.99 22.89 0.41
C GLY A 131 3.29 21.42 0.28
N ASN A 132 4.39 20.93 0.86
CA ASN A 132 4.73 19.49 0.72
C ASN A 132 3.55 18.65 1.22
N LEU A 133 3.11 17.70 0.41
CA LEU A 133 1.98 16.79 0.73
C LEU A 133 2.45 15.54 1.50
N LYS A 134 3.74 15.46 1.78
CA LYS A 134 4.38 14.44 2.66
C LYS A 134 4.55 13.14 1.92
N GLY A 135 5.26 12.20 2.56
CA GLY A 135 5.59 10.90 2.00
C GLY A 135 5.30 9.81 3.02
N THR A 136 6.33 9.22 3.61
CA THR A 136 6.11 8.14 4.59
C THR A 136 7.19 8.22 5.66
N THR A 137 7.30 7.18 6.42
CA THR A 137 8.30 7.08 7.49
C THR A 137 8.66 5.59 7.63
N ARG A 138 9.71 5.29 8.38
CA ARG A 138 10.23 3.91 8.61
C ARG A 138 9.13 2.95 9.07
N THR A 139 8.33 3.37 10.03
CA THR A 139 7.55 2.42 10.86
C THR A 139 6.42 3.10 11.63
N LEU A 140 5.42 2.30 11.98
CA LEU A 140 4.35 2.64 12.93
C LEU A 140 4.57 1.92 14.28
N ASP A 141 5.74 1.32 14.49
CA ASP A 141 6.07 0.75 15.82
C ASP A 141 5.74 1.76 16.93
N MET A 142 4.84 1.37 17.85
CA MET A 142 4.52 2.06 19.13
C MET A 142 3.71 3.32 18.82
N ILE A 143 3.21 3.47 17.60
CA ILE A 143 2.38 4.65 17.25
C ILE A 143 0.89 4.39 17.47
N ASP A 144 0.33 5.23 18.32
CA ASP A 144 -1.10 5.24 18.66
C ASP A 144 -1.67 6.42 17.92
N GLY A 145 -2.19 6.17 16.74
CA GLY A 145 -2.75 7.23 15.90
C GLY A 145 -1.71 7.79 14.97
N GLU A 146 -1.56 9.11 14.99
CA GLU A 146 -0.81 9.85 13.98
C GLU A 146 0.65 9.92 14.39
N CYS A 147 1.57 9.87 13.43
CA CYS A 147 2.98 10.29 13.66
C CYS A 147 3.41 11.20 12.53
N PRO A 148 4.51 11.97 12.76
CA PRO A 148 5.06 12.82 11.70
C PRO A 148 5.59 11.96 10.53
N LEU A 149 5.42 12.49 9.32
CA LEU A 149 5.93 11.83 8.10
C LEU A 149 7.09 12.64 7.49
N GLU A 150 7.92 11.99 6.69
CA GLU A 150 8.98 12.72 5.95
C GLU A 150 8.28 13.41 4.79
N ASP A 151 8.95 14.37 4.18
CA ASP A 151 8.49 14.98 2.90
C ASP A 151 8.52 13.92 1.81
N GLY A 152 7.67 14.12 0.81
CA GLY A 152 7.74 13.38 -0.47
C GLY A 152 8.14 14.35 -1.58
N ILE A 153 7.88 14.00 -2.82
CA ILE A 153 8.26 14.81 -4.00
C ILE A 153 7.05 15.61 -4.46
N MET A 154 5.90 15.51 -3.79
CA MET A 154 4.67 16.23 -4.26
C MET A 154 4.44 17.46 -3.39
N SER A 155 4.10 18.59 -4.01
CA SER A 155 3.79 19.84 -3.33
C SER A 155 2.63 20.53 -4.04
N LYS A 156 1.72 21.09 -3.26
CA LYS A 156 0.61 21.91 -3.76
C LYS A 156 1.17 23.15 -4.46
N ASN A 157 2.36 23.59 -4.08
CA ASN A 157 2.99 24.81 -4.65
C ASN A 157 3.90 24.48 -5.83
N GLY A 158 4.05 23.19 -6.17
CA GLY A 158 4.56 22.69 -7.47
C GLY A 158 6.05 22.35 -7.48
N PHE A 159 6.74 22.38 -6.34
CA PHE A 159 8.15 21.99 -6.32
C PHE A 159 8.54 21.28 -5.03
N ALA A 160 9.55 20.43 -5.16
CA ALA A 160 10.11 19.67 -4.02
C ALA A 160 11.57 19.38 -4.33
N VAL A 161 12.40 19.33 -3.30
CA VAL A 161 13.82 18.95 -3.44
C VAL A 161 14.02 17.63 -2.72
N LEU A 162 14.65 16.70 -3.42
CA LEU A 162 14.97 15.36 -2.90
C LEU A 162 16.49 15.30 -2.85
N ALA A 163 17.06 15.43 -1.65
CA ALA A 163 18.53 15.37 -1.41
C ALA A 163 18.97 13.91 -1.56
N ASP A 164 20.05 13.64 -2.30
CA ASP A 164 20.63 12.27 -2.33
C ASP A 164 21.80 12.29 -1.34
N LYS A 165 21.62 11.72 -0.16
CA LYS A 165 22.64 11.71 0.92
C LYS A 165 23.28 10.33 1.00
N GLY A 166 22.94 9.42 0.10
CA GLY A 166 23.41 8.04 0.18
C GLY A 166 24.84 7.85 -0.30
N LYS A 167 25.31 6.63 -0.07
CA LYS A 167 26.59 6.11 -0.60
C LYS A 167 26.42 5.74 -2.06
N VAL A 168 27.53 5.74 -2.77
CA VAL A 168 27.61 5.23 -4.16
C VAL A 168 27.61 3.71 -4.15
N LEU A 169 27.07 3.12 -5.21
CA LEU A 169 27.12 1.67 -5.47
C LEU A 169 28.17 1.32 -6.55
N THR A 170 28.60 0.06 -6.54
CA THR A 170 29.33 -0.60 -7.65
C THR A 170 28.32 -1.01 -8.73
N GLU A 171 28.86 -1.44 -9.87
CA GLU A 171 28.10 -1.95 -11.05
C GLU A 171 27.05 -2.97 -10.61
N VAL A 172 27.43 -3.86 -9.69
CA VAL A 172 26.62 -5.03 -9.23
C VAL A 172 25.87 -4.69 -7.93
N GLY A 173 25.97 -3.45 -7.44
CA GLY A 173 25.11 -2.93 -6.34
C GLY A 173 25.67 -3.16 -4.95
N ASP A 174 26.98 -3.29 -4.78
CA ASP A 174 27.63 -3.21 -3.45
C ASP A 174 27.91 -1.73 -3.12
N ILE A 175 27.97 -1.43 -1.84
CA ILE A 175 28.32 -0.08 -1.32
C ILE A 175 29.77 0.20 -1.72
N ALA A 176 30.05 1.33 -2.37
CA ALA A 176 31.39 1.66 -2.91
C ALA A 176 32.04 2.72 -2.04
N GLY A 177 31.27 3.45 -1.22
CA GLY A 177 31.77 4.52 -0.34
C GLY A 177 31.03 5.82 -0.60
N ASN A 178 31.68 6.95 -0.30
CA ASN A 178 31.15 8.33 -0.41
C ASN A 178 31.14 8.80 -1.87
N SER A 179 30.06 9.45 -2.28
CA SER A 179 29.97 10.19 -3.55
C SER A 179 31.08 11.26 -3.63
N VAL A 180 31.60 11.54 -4.82
CA VAL A 180 32.50 12.72 -5.02
C VAL A 180 31.66 13.98 -5.22
N SER A 181 30.36 13.81 -5.49
CA SER A 181 29.40 14.93 -5.47
C SER A 181 28.93 15.09 -4.02
N THR A 182 29.63 15.91 -3.25
CA THR A 182 29.44 16.00 -1.78
C THR A 182 28.11 16.71 -1.49
N ILE A 183 27.54 17.43 -2.45
CA ILE A 183 26.09 17.77 -2.43
C ILE A 183 25.47 17.27 -3.74
N ASP A 184 24.36 16.54 -3.65
CA ASP A 184 23.70 15.93 -4.81
C ASP A 184 22.21 16.00 -4.50
N LEU A 185 21.48 16.90 -5.19
CA LEU A 185 20.02 17.19 -5.03
C LEU A 185 19.30 17.00 -6.36
N TYR A 186 18.01 16.70 -6.28
CA TYR A 186 17.07 16.64 -7.41
C TYR A 186 15.96 17.65 -7.13
N LEU A 187 15.92 18.70 -7.94
CA LEU A 187 14.82 19.67 -7.86
C LEU A 187 13.70 19.19 -8.80
N PHE A 188 12.57 18.85 -8.20
CA PHE A 188 11.30 18.52 -8.90
CA PHE A 188 11.30 18.52 -8.90
C PHE A 188 10.47 19.79 -9.01
N ALA A 189 10.01 20.14 -10.21
CA ALA A 189 9.18 21.33 -10.47
C ALA A 189 8.08 20.93 -11.45
N TYR A 190 7.32 19.89 -11.06
CA TYR A 190 6.22 19.30 -11.84
C TYR A 190 4.90 20.05 -11.65
N GLY A 191 4.83 21.12 -10.84
CA GLY A 191 3.56 21.78 -10.51
C GLY A 191 2.62 20.81 -9.81
N ARG A 192 1.43 20.56 -10.33
CA ARG A 192 0.51 19.54 -9.72
C ARG A 192 0.29 18.42 -10.71
N ASP A 193 1.26 18.15 -11.57
CA ASP A 193 1.25 16.90 -12.37
C ASP A 193 1.93 15.81 -11.52
N TYR A 194 1.20 15.27 -10.55
CA TYR A 194 1.80 14.42 -9.50
C TYR A 194 2.14 13.09 -10.14
N ARG A 195 1.27 12.60 -11.02
CA ARG A 195 1.51 11.26 -11.60
C ARG A 195 2.79 11.27 -12.43
N GLN A 196 3.04 12.33 -13.19
CA GLN A 196 4.28 12.42 -14.01
C GLN A 196 5.50 12.58 -13.09
N ALA A 197 5.42 13.39 -12.03
CA ALA A 197 6.49 13.48 -11.01
C ALA A 197 6.85 12.07 -10.53
N LEU A 198 5.87 11.25 -10.19
CA LEU A 198 6.11 9.90 -9.65
C LEU A 198 6.70 8.98 -10.72
N LYS A 199 6.14 9.03 -11.94
CA LYS A 199 6.70 8.24 -13.08
C LYS A 199 8.19 8.56 -13.26
N ASP A 200 8.56 9.83 -13.29
CA ASP A 200 9.97 10.24 -13.53
C ASP A 200 10.82 9.88 -12.32
N PHE A 201 10.25 9.85 -11.12
CA PHE A 201 10.96 9.44 -9.89
C PHE A 201 11.34 7.97 -10.02
N TYR A 202 10.42 7.14 -10.52
CA TYR A 202 10.62 5.70 -10.80
C TYR A 202 11.68 5.56 -11.90
N GLN A 203 11.68 6.46 -12.88
CA GLN A 203 12.74 6.38 -13.94
C GLN A 203 14.12 6.68 -13.31
N LEU A 204 14.22 7.61 -12.34
CA LEU A 204 15.45 8.02 -11.65
C LEU A 204 15.87 6.93 -10.65
N THR A 205 14.93 6.35 -9.91
CA THR A 205 15.28 5.49 -8.73
C THR A 205 15.04 4.03 -9.08
N GLY A 206 14.47 3.77 -10.26
CA GLY A 206 14.12 2.41 -10.72
C GLY A 206 12.68 2.13 -10.40
N ASN A 207 12.01 1.35 -11.26
CA ASN A 207 10.59 1.02 -11.09
C ASN A 207 10.43 0.06 -9.91
N THR A 208 9.23 0.01 -9.33
CA THR A 208 8.89 -1.06 -8.41
C THR A 208 8.90 -2.38 -9.18
N PRO A 209 9.48 -3.46 -8.66
CA PRO A 209 9.32 -4.75 -9.30
C PRO A 209 7.87 -5.22 -9.26
N LYS A 210 7.56 -6.20 -10.11
CA LYS A 210 6.30 -6.94 -10.08
C LYS A 210 6.27 -7.77 -8.80
N LEU A 211 5.15 -7.76 -8.09
CA LEU A 211 4.86 -8.74 -7.05
C LEU A 211 4.40 -10.03 -7.73
N PRO A 212 4.59 -11.17 -7.06
CA PRO A 212 3.93 -12.40 -7.44
C PRO A 212 2.47 -12.38 -6.96
N ARG A 213 1.59 -13.07 -7.66
CA ARG A 213 0.13 -13.09 -7.40
C ARG A 213 -0.14 -13.48 -5.92
N PHE A 214 0.58 -14.44 -5.35
CA PHE A 214 0.29 -14.92 -3.97
C PHE A 214 0.33 -13.76 -2.95
N ALA A 215 1.11 -12.71 -3.17
CA ALA A 215 1.26 -11.61 -2.18
C ALA A 215 -0.07 -10.86 -2.00
N LEU A 216 -1.02 -10.97 -2.97
CA LEU A 216 -2.22 -10.13 -3.00
C LEU A 216 -3.39 -10.80 -2.31
N GLY A 217 -3.21 -12.04 -1.89
CA GLY A 217 -4.19 -12.81 -1.13
C GLY A 217 -4.10 -12.50 0.35
N ASN A 218 -4.93 -13.20 1.13
CA ASN A 218 -4.97 -13.01 2.60
C ASN A 218 -3.75 -13.69 3.18
N TRP A 219 -3.11 -13.03 4.15
CA TRP A 219 -2.03 -13.66 4.93
C TRP A 219 -2.54 -13.95 6.33
N TRP A 220 -2.15 -15.07 6.92
CA TRP A 220 -2.39 -15.32 8.35
C TRP A 220 -1.09 -15.13 9.11
N SER A 221 -1.14 -14.41 10.23
CA SER A 221 0.02 -14.25 11.14
C SER A 221 -0.48 -14.03 12.57
N ARG A 222 0.25 -14.56 13.53
CA ARG A 222 0.01 -14.29 14.96
C ARG A 222 1.30 -14.59 15.74
N TYR A 223 1.71 -13.67 16.61
CA TYR A 223 2.82 -13.84 17.59
C TYR A 223 2.26 -14.76 18.67
N TYR A 224 2.36 -16.06 18.37
CA TYR A 224 1.75 -17.17 19.13
C TYR A 224 2.59 -18.44 18.91
N ASP A 225 2.83 -19.18 19.99
CA ASP A 225 3.70 -20.38 19.99
C ASP A 225 2.93 -21.59 19.47
N TYR A 226 2.52 -21.56 18.21
CA TYR A 226 1.86 -22.71 17.56
C TYR A 226 2.84 -23.90 17.54
N SER A 227 2.25 -25.10 17.50
CA SER A 227 2.95 -26.35 17.12
C SER A 227 2.70 -26.55 15.64
N ASP A 228 3.44 -27.47 15.00
CA ASP A 228 3.16 -27.93 13.62
C ASP A 228 1.69 -28.34 13.55
N LYS A 229 1.22 -29.07 14.56
CA LYS A 229 -0.14 -29.64 14.62
C LYS A 229 -1.18 -28.50 14.76
N SER A 230 -1.00 -27.59 15.71
CA SER A 230 -2.05 -26.56 15.94
C SER A 230 -2.06 -25.58 14.76
N TYR A 231 -0.91 -25.30 14.13
CA TYR A 231 -0.85 -24.42 12.94
C TYR A 231 -1.63 -25.09 11.81
N LEU A 232 -1.36 -26.36 11.48
CA LEU A 232 -2.13 -27.00 10.36
C LEU A 232 -3.61 -27.10 10.70
N ALA A 233 -3.96 -27.40 11.94
CA ALA A 233 -5.37 -27.45 12.36
C ALA A 233 -6.04 -26.07 12.10
N LEU A 234 -5.32 -24.98 12.40
CA LEU A 234 -5.84 -23.62 12.14
C LEU A 234 -5.99 -23.41 10.64
N MET A 235 -4.98 -23.79 9.83
CA MET A 235 -5.10 -23.65 8.36
C MET A 235 -6.31 -24.46 7.90
N ASP A 236 -6.59 -25.65 8.45
CA ASP A 236 -7.74 -26.46 7.98
C ASP A 236 -9.02 -25.84 8.52
N LYS A 237 -8.97 -25.15 9.67
CA LYS A 237 -10.19 -24.45 10.13
C LYS A 237 -10.52 -23.30 9.17
N PHE A 238 -9.54 -22.53 8.68
CA PHE A 238 -9.80 -21.47 7.66
C PHE A 238 -10.54 -22.08 6.47
N THR A 239 -10.04 -23.18 5.94
CA THR A 239 -10.70 -23.89 4.81
C THR A 239 -12.16 -24.19 5.18
N ASP A 240 -12.37 -24.83 6.32
CA ASP A 240 -13.73 -25.25 6.77
C ASP A 240 -14.61 -24.01 6.91
N LYS A 241 -14.03 -22.86 7.31
CA LYS A 241 -14.81 -21.62 7.57
C LYS A 241 -14.97 -20.81 6.28
N LYS A 242 -14.46 -21.31 5.14
CA LYS A 242 -14.60 -20.65 3.81
C LYS A 242 -13.81 -19.33 3.78
N VAL A 243 -12.67 -19.30 4.43
CA VAL A 243 -11.77 -18.13 4.38
C VAL A 243 -10.55 -18.57 3.58
N PRO A 244 -10.32 -17.99 2.39
CA PRO A 244 -9.11 -18.25 1.62
C PRO A 244 -7.89 -17.48 2.17
N LEU A 245 -6.76 -18.16 2.16
CA LEU A 245 -5.41 -17.67 2.53
C LEU A 245 -4.46 -17.93 1.36
N SER A 246 -3.49 -17.04 1.15
CA SER A 246 -2.36 -17.22 0.19
C SER A 246 -1.07 -17.47 0.95
N VAL A 247 -0.96 -16.94 2.19
CA VAL A 247 0.35 -16.91 2.91
C VAL A 247 0.10 -17.34 4.36
N SER A 248 1.02 -18.15 4.84
CA SER A 248 1.21 -18.66 6.19
C SER A 248 2.49 -18.06 6.74
N VAL A 249 2.35 -17.10 7.63
CA VAL A 249 3.46 -16.50 8.39
C VAL A 249 3.64 -17.34 9.65
N ILE A 250 4.88 -17.69 9.96
CA ILE A 250 5.27 -18.28 11.26
C ILE A 250 6.13 -17.25 11.99
N ASP A 251 5.60 -16.70 13.07
CA ASP A 251 6.36 -15.71 13.88
C ASP A 251 7.39 -16.42 14.78
N MET A 252 8.14 -15.60 15.51
CA MET A 252 9.43 -15.86 16.15
C MET A 252 9.41 -17.14 17.02
N ASP A 253 8.27 -17.61 17.49
CA ASP A 253 8.19 -18.83 18.34
C ASP A 253 8.49 -20.10 17.51
N TRP A 254 8.75 -19.95 16.23
CA TRP A 254 9.26 -21.05 15.37
C TRP A 254 10.64 -21.49 15.85
N HIS A 255 11.44 -20.56 16.35
CA HIS A 255 12.80 -20.83 16.83
C HIS A 255 12.82 -20.88 18.36
N LYS A 256 13.95 -21.28 18.88
CA LYS A 256 14.15 -21.36 20.35
C LYS A 256 13.97 -19.94 20.90
N VAL A 257 13.27 -19.80 22.01
CA VAL A 257 13.14 -18.49 22.71
C VAL A 257 13.53 -18.72 24.17
N SER A 258 12.65 -19.28 25.01
CA SER A 258 12.96 -19.46 26.46
C SER A 258 14.04 -20.55 26.63
N GLU A 259 14.25 -21.38 25.62
CA GLU A 259 15.28 -22.46 25.63
C GLU A 259 16.70 -21.90 25.45
N VAL A 260 16.86 -20.59 25.22
CA VAL A 260 18.18 -19.93 25.02
C VAL A 260 18.76 -19.61 26.38
N PRO A 261 19.97 -20.13 26.70
CA PRO A 261 20.65 -19.81 27.95
C PRO A 261 20.84 -18.28 28.03
N SER A 262 20.67 -17.72 29.21
CA SER A 262 20.66 -16.24 29.38
C SER A 262 22.05 -15.64 29.20
N ARG A 263 23.12 -16.44 29.37
CA ARG A 263 24.53 -16.02 29.10
CA ARG A 263 24.51 -15.96 29.11
C ARG A 263 24.66 -15.55 27.65
N PHE A 264 23.80 -16.02 26.76
CA PHE A 264 23.87 -15.60 25.33
C PHE A 264 23.03 -14.34 25.04
N GLY A 265 22.30 -13.83 26.05
CA GLY A 265 21.28 -12.77 25.91
C GLY A 265 19.91 -13.36 25.67
N SER A 266 19.05 -12.67 24.92
CA SER A 266 17.62 -13.06 24.72
C SER A 266 17.48 -14.09 23.60
N GLY A 267 16.27 -14.62 23.48
CA GLY A 267 15.81 -15.52 22.41
C GLY A 267 15.14 -14.74 21.27
N TRP A 268 15.28 -13.42 21.25
CA TRP A 268 14.58 -12.59 20.22
C TRP A 268 15.03 -12.99 18.81
N THR A 269 16.34 -12.92 18.58
CA THR A 269 17.02 -13.52 17.39
C THR A 269 17.06 -15.03 17.55
N GLY A 270 16.73 -15.75 16.47
CA GLY A 270 16.89 -17.21 16.47
C GLY A 270 16.93 -17.77 15.07
N TYR A 271 17.73 -18.82 14.88
CA TYR A 271 17.82 -19.52 13.56
C TYR A 271 17.68 -21.03 13.73
N SER A 272 17.29 -21.50 14.91
CA SER A 272 17.13 -22.94 15.26
C SER A 272 15.67 -23.26 15.58
N TRP A 273 15.05 -24.17 14.83
CA TRP A 273 13.67 -24.64 15.13
C TRP A 273 13.55 -25.01 16.61
N ASN A 274 12.43 -24.68 17.21
CA ASN A 274 12.05 -25.26 18.51
C ASN A 274 11.50 -26.66 18.16
N LYS A 275 12.16 -27.72 18.61
CA LYS A 275 11.90 -29.11 18.17
C LYS A 275 10.63 -29.66 18.83
N LYS A 276 10.30 -29.14 20.02
CA LYS A 276 9.03 -29.49 20.74
C LYS A 276 7.86 -29.14 19.80
N LEU A 277 7.90 -27.97 19.21
CA LEU A 277 6.76 -27.39 18.42
C LEU A 277 6.81 -27.88 16.98
N PHE A 278 8.01 -27.96 16.42
CA PHE A 278 8.31 -28.33 15.02
C PHE A 278 9.34 -29.46 14.98
N PRO A 279 8.95 -30.71 15.34
CA PRO A 279 9.88 -31.86 15.31
C PRO A 279 10.33 -32.26 13.89
N ASN A 280 9.56 -31.95 12.84
CA ASN A 280 9.96 -32.18 11.43
C ASN A 280 9.60 -30.95 10.61
N PRO A 281 10.47 -29.93 10.56
CA PRO A 281 10.11 -28.69 9.87
C PRO A 281 9.75 -28.88 8.38
N GLU A 282 10.56 -29.64 7.63
CA GLU A 282 10.37 -29.77 6.16
C GLU A 282 9.00 -30.38 5.91
N ASN A 283 8.62 -31.33 6.74
CA ASN A 283 7.33 -32.01 6.60
C ASN A 283 6.19 -31.00 6.85
N PHE A 284 6.30 -30.21 7.93
CA PHE A 284 5.31 -29.15 8.25
C PHE A 284 5.22 -28.20 7.04
N ILE A 285 6.35 -27.75 6.49
CA ILE A 285 6.31 -26.79 5.34
C ILE A 285 5.72 -27.50 4.11
N ASP A 286 6.01 -28.80 3.88
CA ASP A 286 5.40 -29.57 2.77
C ASP A 286 3.89 -29.55 2.94
N GLU A 287 3.40 -29.73 4.16
CA GLU A 287 1.94 -29.72 4.44
C GLU A 287 1.33 -28.36 4.10
N LEU A 288 2.00 -27.24 4.41
CA LEU A 288 1.47 -25.90 4.04
C LEU A 288 1.52 -25.77 2.51
N HIS A 289 2.62 -26.21 1.92
CA HIS A 289 2.73 -26.20 0.44
C HIS A 289 1.61 -27.05 -0.17
N GLN A 290 1.21 -28.18 0.42
CA GLN A 290 0.11 -29.03 -0.16
C GLN A 290 -1.20 -28.25 -0.07
N ARG A 291 -1.36 -27.38 0.92
CA ARG A 291 -2.55 -26.49 1.05
C ARG A 291 -2.41 -25.23 0.17
N LYS A 292 -1.38 -25.16 -0.67
CA LYS A 292 -1.18 -24.06 -1.63
C LYS A 292 -0.92 -22.76 -0.86
N LEU A 293 -0.11 -22.80 0.19
CA LEU A 293 0.34 -21.62 0.95
C LEU A 293 1.82 -21.40 0.69
N LYS A 294 2.21 -20.14 0.56
CA LYS A 294 3.60 -19.68 0.67
C LYS A 294 3.91 -19.44 2.14
N VAL A 295 5.15 -19.68 2.52
CA VAL A 295 5.55 -19.78 3.95
C VAL A 295 6.68 -18.79 4.19
N THR A 296 6.57 -17.96 5.21
CA THR A 296 7.67 -17.05 5.60
C THR A 296 7.90 -17.21 7.10
N LEU A 297 9.14 -16.99 7.52
CA LEU A 297 9.48 -17.03 8.96
C LEU A 297 9.91 -15.62 9.35
N ASN A 298 9.64 -15.27 10.60
CA ASN A 298 10.18 -14.06 11.27
C ASN A 298 11.69 -14.21 11.44
N ASP A 299 12.41 -13.18 11.00
CA ASP A 299 13.85 -13.05 11.26
C ASP A 299 14.14 -11.72 11.94
N HIS A 300 14.53 -11.82 13.21
CA HIS A 300 15.10 -10.75 14.04
C HIS A 300 16.61 -10.88 13.89
N PRO A 301 17.29 -10.13 12.97
CA PRO A 301 18.69 -10.41 12.70
C PRO A 301 19.70 -9.85 13.70
N ALA A 302 19.30 -8.96 14.62
CA ALA A 302 20.25 -8.03 15.26
C ALA A 302 21.27 -8.73 16.20
N ASP A 303 20.97 -9.89 16.77
CA ASP A 303 21.97 -10.57 17.67
C ASP A 303 22.78 -11.62 16.89
N GLY A 304 22.66 -11.65 15.57
CA GLY A 304 23.51 -12.48 14.72
C GLY A 304 23.42 -13.97 15.05
N ILE A 305 24.54 -14.67 14.88
CA ILE A 305 24.54 -16.16 15.04
C ILE A 305 25.42 -16.50 16.23
N ARG A 306 24.80 -16.91 17.33
CA ARG A 306 25.51 -17.10 18.60
C ARG A 306 25.78 -18.58 18.77
N ALA A 307 26.60 -18.96 19.76
CA ALA A 307 27.22 -20.32 19.76
C ALA A 307 26.17 -21.42 19.98
N PHE A 308 25.03 -21.14 20.61
CA PHE A 308 23.99 -22.19 20.81
C PHE A 308 23.29 -22.52 19.49
N GLU A 309 23.43 -21.74 18.41
CA GLU A 309 22.53 -21.98 17.24
C GLU A 309 22.97 -23.23 16.45
N ASP A 310 22.03 -23.84 15.76
CA ASP A 310 22.23 -25.02 14.88
C ASP A 310 23.17 -24.68 13.73
N PRO A 311 23.04 -23.54 12.98
CA PRO A 311 24.06 -23.21 11.98
C PRO A 311 25.38 -22.65 12.52
N TYR A 312 25.54 -22.49 13.83
CA TYR A 312 26.77 -21.82 14.33
C TYR A 312 28.06 -22.58 13.91
N PRO A 313 28.18 -23.91 14.06
CA PRO A 313 29.45 -24.59 13.71
C PRO A 313 29.87 -24.29 12.26
N GLN A 314 28.94 -24.29 11.29
CA GLN A 314 29.24 -23.94 9.86
C GLN A 314 29.71 -22.48 9.74
N VAL A 315 28.91 -21.54 10.26
CA VAL A 315 29.23 -20.09 10.23
C VAL A 315 30.58 -19.83 10.89
N ALA A 316 30.87 -20.48 12.02
CA ALA A 316 32.11 -20.28 12.80
C ALA A 316 33.33 -20.67 11.95
N GLN A 317 33.22 -21.80 11.27
CA GLN A 317 34.24 -22.34 10.32
C GLN A 317 34.43 -21.29 9.18
N THR A 318 33.36 -20.92 8.47
CA THR A 318 33.43 -19.89 7.40
C THR A 318 33.99 -18.55 7.90
N LEU A 319 33.70 -18.12 9.13
CA LEU A 319 34.14 -16.76 9.53
C LEU A 319 35.34 -16.86 10.47
N ASP A 320 35.93 -18.06 10.62
CA ASP A 320 37.13 -18.21 11.49
C ASP A 320 36.85 -17.64 12.89
N LEU A 321 35.76 -18.10 13.51
CA LEU A 321 35.42 -17.66 14.87
C LEU A 321 36.10 -18.60 15.88
N ASN A 322 36.43 -18.04 17.02
CA ASN A 322 36.93 -18.78 18.21
C ASN A 322 35.78 -19.48 18.93
N THR A 323 35.54 -20.77 18.62
CA THR A 323 34.40 -21.58 19.11
C THR A 323 34.61 -21.93 20.60
N GLU A 324 35.84 -22.06 21.06
CA GLU A 324 36.05 -22.43 22.51
C GLU A 324 35.78 -21.19 23.36
N LEU A 325 35.87 -19.98 22.79
CA LEU A 325 35.44 -18.76 23.55
C LEU A 325 34.01 -18.36 23.12
N GLU A 326 33.35 -19.21 22.35
CA GLU A 326 31.95 -19.06 21.89
C GLU A 326 31.77 -17.68 21.25
N GLU A 327 32.72 -17.23 20.46
CA GLU A 327 32.69 -15.95 19.71
C GLU A 327 31.46 -15.94 18.81
N ALA A 328 30.64 -14.94 18.99
CA ALA A 328 29.38 -14.77 18.21
C ALA A 328 29.76 -14.25 16.82
N ALA A 329 29.04 -14.69 15.81
CA ALA A 329 29.02 -14.03 14.49
C ALA A 329 28.07 -12.84 14.62
N LYS A 330 28.56 -11.69 15.05
CA LYS A 330 27.69 -10.53 15.32
C LYS A 330 27.12 -10.04 13.98
N PHE A 331 25.92 -9.48 14.01
CA PHE A 331 25.26 -8.99 12.78
C PHE A 331 26.16 -7.91 12.17
N ASP A 332 26.51 -8.07 10.90
CA ASP A 332 27.38 -7.09 10.22
C ASP A 332 27.13 -7.13 8.71
N PHE A 333 26.09 -6.45 8.24
CA PHE A 333 25.69 -6.50 6.81
C PHE A 333 26.57 -5.60 5.93
N ASP A 334 27.48 -4.83 6.51
CA ASP A 334 28.57 -4.14 5.77
C ASP A 334 29.59 -5.17 5.27
N ASN A 335 29.66 -6.34 5.90
CA ASN A 335 30.72 -7.35 5.69
C ASN A 335 30.26 -8.38 4.66
N LEU A 336 30.94 -8.46 3.50
CA LEU A 336 30.59 -9.44 2.44
C LEU A 336 30.60 -10.88 3.00
N LYS A 337 31.57 -11.27 3.86
CA LYS A 337 31.67 -12.70 4.30
C LYS A 337 30.45 -13.03 5.18
N PHE A 338 30.08 -12.08 6.05
CA PHE A 338 28.89 -12.20 6.94
C PHE A 338 27.65 -12.37 6.08
N ARG A 339 27.47 -11.51 5.06
CA ARG A 339 26.24 -11.58 4.23
C ARG A 339 26.20 -12.96 3.59
N LYS A 340 27.33 -13.45 3.08
CA LYS A 340 27.34 -14.77 2.38
C LYS A 340 26.97 -15.89 3.37
N ALA A 341 27.53 -15.85 4.57
CA ALA A 341 27.27 -16.91 5.58
C ALA A 341 25.78 -16.84 5.99
N TYR A 342 25.27 -15.62 6.19
CA TYR A 342 23.83 -15.35 6.50
C TYR A 342 22.94 -15.96 5.42
N PHE A 343 23.17 -15.67 4.14
CA PHE A 343 22.26 -16.18 3.06
C PHE A 343 22.45 -17.70 2.82
N GLU A 344 23.69 -18.17 2.80
CA GLU A 344 24.04 -19.58 2.39
C GLU A 344 23.92 -20.57 3.55
N GLU A 345 24.45 -20.23 4.72
CA GLU A 345 24.58 -21.16 5.88
C GLU A 345 23.52 -20.90 6.97
N VAL A 346 22.82 -19.76 6.97
CA VAL A 346 21.74 -19.50 7.99
C VAL A 346 20.38 -19.59 7.34
N HIS A 347 20.10 -18.74 6.33
CA HIS A 347 18.83 -18.84 5.57
C HIS A 347 18.84 -20.12 4.70
N GLY A 348 19.97 -20.47 4.09
CA GLY A 348 20.03 -21.56 3.08
C GLY A 348 19.37 -22.82 3.57
N PRO A 349 19.77 -23.37 4.77
CA PRO A 349 19.20 -24.62 5.26
C PRO A 349 17.69 -24.49 5.50
N LEU A 350 17.20 -23.31 5.92
CA LEU A 350 15.75 -23.11 6.16
C LEU A 350 15.01 -23.04 4.82
N GLU A 351 15.62 -22.42 3.80
CA GLU A 351 14.97 -22.37 2.45
C GLU A 351 14.85 -23.81 1.89
N LYS A 352 15.82 -24.69 2.18
CA LYS A 352 15.86 -26.09 1.69
C LYS A 352 14.77 -26.87 2.42
N GLU A 353 14.45 -26.48 3.66
CA GLU A 353 13.28 -27.07 4.37
C GLU A 353 11.95 -26.56 3.77
N GLY A 354 11.96 -25.49 2.95
CA GLY A 354 10.79 -25.02 2.19
C GLY A 354 10.40 -23.54 2.42
N VAL A 355 11.13 -22.80 3.25
CA VAL A 355 10.79 -21.36 3.50
C VAL A 355 10.81 -20.62 2.16
N ASP A 356 9.73 -19.94 1.81
CA ASP A 356 9.55 -19.29 0.48
C ASP A 356 10.13 -17.88 0.43
N PHE A 357 10.13 -17.14 1.54
CA PHE A 357 10.61 -15.74 1.56
C PHE A 357 10.76 -15.28 3.01
N TRP A 358 11.44 -14.15 3.22
CA TRP A 358 11.90 -13.71 4.56
C TRP A 358 11.14 -12.47 5.04
N TRP A 359 10.62 -12.59 6.26
CA TRP A 359 10.15 -11.46 7.08
C TRP A 359 11.31 -10.89 7.88
N ILE A 360 11.91 -9.84 7.35
CA ILE A 360 13.03 -9.10 7.97
C ILE A 360 12.41 -8.12 8.96
N ASP A 361 12.68 -8.31 10.23
CA ASP A 361 11.97 -7.66 11.34
C ASP A 361 12.98 -6.96 12.19
N TRP A 362 13.45 -5.82 11.70
CA TRP A 362 14.58 -5.07 12.28
C TRP A 362 14.05 -3.86 13.06
N GLN A 363 14.41 -3.73 14.33
CA GLN A 363 13.98 -2.57 15.13
C GLN A 363 15.14 -2.11 15.96
N GLN A 364 16.38 -2.42 15.59
CA GLN A 364 17.53 -2.22 16.53
C GLN A 364 18.38 -1.07 16.05
N GLY A 365 17.83 -0.13 15.26
CA GLY A 365 18.53 1.16 15.09
C GLY A 365 19.18 1.30 13.72
N ALA A 366 19.87 2.41 13.50
CA ALA A 366 20.42 2.81 12.18
C ALA A 366 21.97 2.82 12.26
N ILE A 367 22.61 2.15 13.23
CA ILE A 367 24.09 2.28 13.46
C ILE A 367 24.86 1.23 12.61
N SER A 368 25.88 1.69 11.88
CA SER A 368 26.85 0.85 11.13
C SER A 368 28.15 1.67 10.94
N LYS A 369 29.31 1.00 10.83
CA LYS A 369 30.58 1.76 10.63
C LYS A 369 30.55 2.43 9.26
N SER A 370 29.94 1.81 8.24
CA SER A 370 29.80 2.41 6.87
C SER A 370 28.92 3.68 6.89
N GLY A 371 28.00 3.84 7.86
CA GLY A 371 27.05 4.97 7.80
C GLY A 371 25.81 4.59 7.00
N VAL A 372 25.75 3.37 6.50
CA VAL A 372 24.55 2.86 5.81
C VAL A 372 23.67 2.20 6.86
N ASP A 373 22.39 2.54 6.80
CA ASP A 373 21.36 1.97 7.69
C ASP A 373 21.32 0.46 7.46
N PRO A 374 21.53 -0.34 8.54
CA PRO A 374 21.42 -1.78 8.46
C PRO A 374 20.10 -2.23 7.84
N LEU A 375 19.02 -1.51 8.09
CA LEU A 375 17.73 -1.90 7.49
C LEU A 375 17.81 -1.79 5.95
N TRP A 376 18.50 -0.77 5.45
CA TRP A 376 18.73 -0.58 4.00
C TRP A 376 19.56 -1.77 3.47
N LEU A 377 20.64 -2.12 4.14
CA LEU A 377 21.51 -3.23 3.65
C LEU A 377 20.67 -4.53 3.61
N LEU A 378 19.84 -4.77 4.64
CA LEU A 378 19.01 -5.98 4.73
C LEU A 378 18.01 -6.01 3.57
N ASN A 379 17.28 -4.93 3.35
CA ASN A 379 16.23 -4.92 2.30
C ASN A 379 16.86 -5.09 0.89
N HIS A 380 17.94 -4.37 0.62
CA HIS A 380 18.63 -4.39 -0.72
C HIS A 380 19.19 -5.80 -0.96
N TYR A 381 19.95 -6.32 -0.01
CA TYR A 381 20.62 -7.63 -0.20
C TYR A 381 19.64 -8.80 -0.10
N GLN A 382 18.70 -8.78 0.85
CA GLN A 382 17.72 -9.89 0.98
C GLN A 382 16.80 -9.87 -0.24
N TYR A 383 16.36 -8.70 -0.71
CA TYR A 383 15.46 -8.69 -1.88
C TYR A 383 16.19 -9.35 -3.05
N GLN A 384 17.43 -8.97 -3.31
CA GLN A 384 18.25 -9.54 -4.41
C GLN A 384 18.42 -11.06 -4.18
N ASN A 385 18.81 -11.49 -2.97
CA ASN A 385 18.99 -12.93 -2.67
C ASN A 385 17.68 -13.73 -2.87
N ALA A 386 16.51 -13.15 -2.54
CA ALA A 386 15.19 -13.81 -2.70
C ALA A 386 14.92 -14.20 -4.15
N GLN A 387 15.50 -13.50 -5.13
CA GLN A 387 15.25 -13.75 -6.57
C GLN A 387 15.91 -15.06 -7.03
N LYS A 388 16.81 -15.66 -6.24
CA LYS A 388 17.55 -16.90 -6.61
C LYS A 388 16.59 -18.09 -6.57
N LYS A 389 15.85 -18.21 -5.48
CA LYS A 389 14.96 -19.37 -5.23
C LYS A 389 13.61 -19.20 -5.97
N HIS A 390 13.05 -17.99 -6.10
CA HIS A 390 11.69 -17.80 -6.69
C HIS A 390 11.68 -16.59 -7.62
N LYS A 391 10.84 -16.61 -8.65
CA LYS A 391 10.71 -15.51 -9.64
C LYS A 391 9.82 -14.41 -9.05
N ASN A 392 10.25 -13.16 -9.13
CA ASN A 392 9.43 -12.02 -8.61
C ASN A 392 9.21 -12.17 -7.10
N ASN A 393 10.20 -12.69 -6.38
CA ASN A 393 10.01 -13.01 -4.97
C ASN A 393 9.95 -11.68 -4.19
N ILE A 394 9.55 -11.76 -2.91
CA ILE A 394 9.44 -10.55 -2.04
C ILE A 394 10.22 -10.74 -0.77
N ILE A 395 10.26 -9.62 -0.03
CA ILE A 395 10.57 -9.63 1.42
C ILE A 395 9.35 -9.07 2.16
N LEU A 396 9.45 -9.02 3.49
CA LEU A 396 8.49 -8.22 4.30
C LEU A 396 9.34 -7.44 5.27
N SER A 397 9.44 -6.11 5.11
CA SER A 397 10.40 -5.32 5.93
C SER A 397 9.97 -3.85 6.00
N ARG A 398 10.46 -3.16 7.03
CA ARG A 398 10.21 -1.71 7.22
C ARG A 398 10.83 -0.87 6.09
N TYR A 399 10.35 0.37 5.96
CA TYR A 399 10.77 1.35 4.93
C TYR A 399 12.17 1.84 5.24
N ALA A 400 13.01 1.91 4.21
CA ALA A 400 14.45 2.20 4.36
C ALA A 400 14.83 3.41 3.52
N GLY A 401 13.89 4.31 3.31
CA GLY A 401 14.18 5.62 2.70
C GLY A 401 13.88 5.61 1.20
N PRO A 402 13.98 6.80 0.55
CA PRO A 402 13.68 6.94 -0.88
C PRO A 402 14.44 5.93 -1.75
N GLY A 403 13.71 5.25 -2.61
CA GLY A 403 14.26 4.20 -3.47
C GLY A 403 14.01 2.80 -2.92
N SER A 404 13.70 2.66 -1.63
CA SER A 404 13.54 1.32 -1.00
C SER A 404 12.24 0.67 -1.45
N HIS A 405 11.43 1.34 -2.29
CA HIS A 405 10.31 0.67 -3.01
C HIS A 405 10.80 -0.45 -3.95
N ARG A 406 12.07 -0.45 -4.28
CA ARG A 406 12.67 -1.50 -5.16
C ARG A 406 12.64 -2.84 -4.42
N TYR A 407 12.35 -2.84 -3.12
CA TYR A 407 12.42 -4.07 -2.29
C TYR A 407 11.10 -4.30 -1.58
N PRO A 408 9.98 -4.54 -2.30
CA PRO A 408 8.70 -4.74 -1.64
C PRO A 408 8.75 -6.07 -0.86
N LEU A 409 7.91 -6.25 0.17
CA LEU A 409 6.81 -5.41 0.59
C LEU A 409 7.21 -4.62 1.84
N GLY A 410 6.59 -3.46 2.00
CA GLY A 410 6.64 -2.66 3.23
C GLY A 410 5.91 -3.34 4.39
N PHE A 411 6.47 -3.24 5.56
CA PHE A 411 5.94 -3.80 6.82
C PHE A 411 5.93 -2.66 7.84
N SER A 412 4.76 -2.17 8.21
CA SER A 412 4.67 -0.96 9.06
C SER A 412 4.86 -1.31 10.54
N GLY A 413 4.64 -2.55 10.99
CA GLY A 413 5.02 -2.91 12.37
C GLY A 413 3.97 -2.60 13.44
N ASP A 414 4.47 -2.28 14.64
CA ASP A 414 3.77 -2.43 15.94
C ASP A 414 2.86 -1.23 16.25
N SER A 415 1.92 -0.97 15.37
CA SER A 415 0.79 -0.06 15.62
C SER A 415 0.08 -0.43 16.92
N VAL A 416 -0.36 0.59 17.62
CA VAL A 416 -1.27 0.45 18.77
C VAL A 416 -2.69 0.19 18.30
N ILE A 417 -3.33 -0.82 18.90
CA ILE A 417 -4.75 -1.17 18.54
C ILE A 417 -5.71 -0.09 19.07
N SER A 418 -6.17 0.80 18.18
CA SER A 418 -7.04 1.92 18.52
C SER A 418 -7.75 2.45 17.28
N TRP A 419 -8.89 3.07 17.52
CA TRP A 419 -9.61 3.86 16.51
C TRP A 419 -8.68 4.93 15.96
N ALA A 420 -7.84 5.55 16.80
CA ALA A 420 -6.93 6.64 16.36
C ALA A 420 -5.93 6.08 15.33
N SER A 421 -5.37 4.91 15.59
CA SER A 421 -4.45 4.24 14.64
C SER A 421 -5.20 3.92 13.33
N LEU A 422 -6.41 3.35 13.40
CA LEU A 422 -7.13 3.03 12.15
C LEU A 422 -7.43 4.34 11.41
N ASP A 423 -7.76 5.41 12.16
CA ASP A 423 -8.15 6.69 11.55
C ASP A 423 -6.96 7.31 10.80
N PHE A 424 -5.73 6.98 11.17
CA PHE A 424 -4.50 7.47 10.53
C PHE A 424 -4.16 6.66 9.28
N GLN A 425 -4.52 5.39 9.24
CA GLN A 425 -3.87 4.42 8.33
C GLN A 425 -4.24 4.65 6.86
N PRO A 426 -5.47 5.03 6.45
CA PRO A 426 -5.73 5.20 5.01
C PRO A 426 -4.90 6.37 4.46
N TYR A 427 -4.89 7.48 5.18
CA TYR A 427 -4.08 8.66 4.84
C TYR A 427 -2.60 8.26 4.72
N PHE A 428 -2.09 7.59 5.75
CA PHE A 428 -0.71 7.08 5.75
C PHE A 428 -0.45 6.32 4.44
N THR A 429 -1.38 5.45 4.07
CA THR A 429 -1.15 4.51 2.96
C THR A 429 -1.13 5.27 1.63
N SER A 430 -2.09 6.14 1.40
CA SER A 430 -2.24 6.91 0.14
C SER A 430 -1.10 7.90 0.06
N THR A 431 -0.74 8.58 1.16
CA THR A 431 0.30 9.60 1.13
C THR A 431 1.66 8.94 0.81
N ALA A 432 1.87 7.68 1.17
CA ALA A 432 3.17 7.03 0.89
C ALA A 432 3.46 7.01 -0.65
N SER A 433 2.43 7.01 -1.50
CA SER A 433 2.58 6.99 -2.98
C SER A 433 3.39 8.22 -3.41
N ASN A 434 3.37 9.27 -2.59
CA ASN A 434 4.12 10.52 -2.86
C ASN A 434 5.64 10.36 -2.73
N ILE A 435 6.15 9.23 -2.24
CA ILE A 435 7.59 8.91 -2.28
C ILE A 435 7.72 7.53 -2.90
N GLY A 436 6.67 7.11 -3.62
CA GLY A 436 6.73 5.94 -4.49
C GLY A 436 6.75 4.62 -3.73
N TYR A 437 6.39 4.60 -2.43
CA TYR A 437 6.37 3.38 -1.59
C TYR A 437 4.92 2.87 -1.48
N THR A 438 4.53 2.04 -2.46
CA THR A 438 3.11 1.78 -2.79
C THR A 438 2.66 0.40 -2.27
N TRP A 439 3.54 -0.37 -1.63
CA TRP A 439 3.15 -1.71 -1.13
C TRP A 439 3.29 -1.79 0.42
N TRP A 440 2.74 -0.83 1.17
CA TRP A 440 2.65 -0.99 2.65
C TRP A 440 1.71 -2.15 3.03
N SER A 441 2.26 -3.06 3.83
CA SER A 441 1.50 -4.09 4.57
C SER A 441 1.41 -3.68 6.05
N HIS A 442 0.22 -3.28 6.47
CA HIS A 442 -0.06 -2.96 7.88
C HIS A 442 -0.56 -4.21 8.58
N ASP A 443 -0.30 -4.33 9.89
CA ASP A 443 -0.99 -5.35 10.69
C ASP A 443 -2.46 -4.98 10.72
N ILE A 444 -3.30 -5.81 10.10
CA ILE A 444 -4.75 -5.55 9.95
C ILE A 444 -5.41 -5.85 11.30
N GLY A 445 -6.12 -4.82 11.83
CA GLY A 445 -6.67 -4.83 13.19
C GLY A 445 -5.73 -4.23 14.23
N GLY A 446 -4.50 -3.87 13.87
CA GLY A 446 -3.54 -3.25 14.77
C GLY A 446 -2.69 -4.29 15.47
N HIS A 447 -1.51 -3.89 15.93
CA HIS A 447 -0.54 -4.90 16.41
C HIS A 447 -0.74 -5.20 17.91
N MET A 448 -0.68 -4.17 18.75
CA MET A 448 -0.46 -4.38 20.19
C MET A 448 -1.11 -3.28 21.05
N GLN A 449 -1.17 -3.59 22.34
CA GLN A 449 -1.68 -2.66 23.35
C GLN A 449 -3.06 -2.17 22.92
N GLY A 450 -3.46 -0.97 23.32
CA GLY A 450 -4.79 -0.50 22.94
C GLY A 450 -5.85 -1.35 23.60
N TYR A 451 -7.00 -1.51 22.94
N TYR A 451 -7.03 -1.44 22.96
CA TYR A 451 -8.21 -2.00 23.61
CA TYR A 451 -8.34 -1.77 23.60
C TYR A 451 -9.06 -2.81 22.65
C TYR A 451 -9.12 -2.71 22.67
N LYS A 452 -9.87 -3.68 23.23
CA LYS A 452 -10.74 -4.60 22.45
C LYS A 452 -11.98 -3.84 22.01
N ASP A 453 -12.36 -4.05 20.75
CA ASP A 453 -13.61 -3.50 20.17
C ASP A 453 -13.76 -4.24 18.86
N ALA A 454 -14.68 -5.21 18.81
CA ALA A 454 -14.89 -6.07 17.63
C ALA A 454 -15.22 -5.17 16.42
N GLU A 455 -15.83 -4.02 16.64
CA GLU A 455 -16.23 -3.11 15.53
C GLU A 455 -14.98 -2.49 14.91
N LEU A 456 -14.00 -2.15 15.76
CA LEU A 456 -12.69 -1.62 15.35
C LEU A 456 -12.01 -2.70 14.50
N SER A 457 -11.95 -3.94 14.97
CA SER A 457 -11.36 -5.08 14.22
C SER A 457 -12.05 -5.22 12.82
N LEU A 458 -13.36 -5.14 12.76
CA LEU A 458 -14.11 -5.30 11.49
C LEU A 458 -13.83 -4.09 10.58
N ARG A 459 -13.89 -2.88 11.10
CA ARG A 459 -13.60 -1.70 10.25
C ARG A 459 -12.16 -1.80 9.75
N TRP A 460 -11.24 -2.31 10.59
CA TRP A 460 -9.82 -2.35 10.19
C TRP A 460 -9.64 -3.34 9.03
N LEU A 461 -10.38 -4.45 9.06
CA LEU A 461 -10.29 -5.51 8.01
C LEU A 461 -10.92 -4.97 6.74
N GLN A 462 -11.98 -4.20 6.85
CA GLN A 462 -12.57 -3.54 5.64
C GLN A 462 -11.52 -2.71 4.92
N PHE A 463 -10.79 -1.86 5.65
CA PHE A 463 -9.72 -1.04 5.08
C PHE A 463 -8.64 -1.96 4.52
N GLY A 464 -8.23 -2.96 5.28
CA GLY A 464 -7.14 -3.86 4.86
C GLY A 464 -7.47 -4.47 3.49
N VAL A 465 -8.71 -4.90 3.30
CA VAL A 465 -9.13 -5.58 2.03
C VAL A 465 -8.94 -4.60 0.86
N PHE A 466 -9.06 -3.30 1.12
CA PHE A 466 -8.91 -2.22 0.12
C PHE A 466 -7.58 -1.48 0.36
N SER A 467 -6.55 -2.23 0.78
CA SER A 467 -5.21 -1.71 1.00
C SER A 467 -4.26 -2.50 0.10
N PRO A 468 -2.99 -2.09 0.00
CA PRO A 468 -2.06 -2.79 -0.89
C PRO A 468 -1.91 -4.26 -0.52
N ILE A 469 -1.90 -4.58 0.78
CA ILE A 469 -1.66 -5.96 1.26
C ILE A 469 -2.61 -6.25 2.41
N ASN A 470 -3.21 -7.42 2.44
CA ASN A 470 -4.17 -7.79 3.52
C ASN A 470 -3.57 -8.87 4.42
N ARG A 471 -2.73 -8.47 5.39
CA ARG A 471 -1.99 -9.39 6.32
C ARG A 471 -2.59 -9.24 7.73
N LEU A 472 -3.32 -10.25 8.17
CA LEU A 472 -3.82 -10.31 9.56
C LEU A 472 -2.63 -10.64 10.46
N HIS A 473 -2.41 -9.85 11.51
CA HIS A 473 -1.31 -10.08 12.49
C HIS A 473 -1.69 -9.47 13.84
N SER A 474 -1.07 -9.95 14.92
CA SER A 474 -1.34 -9.45 16.28
C SER A 474 -0.21 -9.86 17.22
N SER A 475 -0.24 -9.22 18.39
N SER A 475 -0.06 -9.16 18.36
CA SER A 475 0.70 -9.23 19.53
CA SER A 475 1.08 -9.34 19.29
C SER A 475 0.79 -10.62 20.18
C SER A 475 0.83 -10.57 20.15
N LYS A 476 1.69 -10.74 21.15
CA LYS A 476 1.79 -11.93 22.02
C LYS A 476 0.58 -12.12 22.96
N SER A 477 -0.41 -11.24 23.04
CA SER A 477 -1.60 -11.48 23.89
C SER A 477 -2.41 -12.74 23.51
N GLU A 478 -2.92 -13.45 24.51
CA GLU A 478 -3.96 -14.51 24.37
C GLU A 478 -5.28 -13.91 23.86
N PHE A 479 -5.41 -12.58 23.84
CA PHE A 479 -6.72 -11.91 23.62
C PHE A 479 -6.78 -11.17 22.27
N THR A 480 -5.71 -11.17 21.46
CA THR A 480 -5.67 -10.31 20.22
C THR A 480 -5.74 -11.09 18.89
N SER A 481 -6.13 -12.37 18.88
CA SER A 481 -6.20 -13.13 17.61
C SER A 481 -7.14 -12.43 16.62
N LYS A 482 -6.78 -12.40 15.35
CA LYS A 482 -7.62 -11.80 14.28
C LYS A 482 -8.47 -12.87 13.60
N GLU A 483 -8.51 -14.08 14.13
CA GLU A 483 -9.46 -15.10 13.63
C GLU A 483 -10.90 -14.59 13.65
N PRO A 484 -11.64 -14.63 12.52
CA PRO A 484 -13.03 -14.17 12.52
C PRO A 484 -13.91 -14.79 13.62
N TRP A 485 -13.69 -16.06 13.94
CA TRP A 485 -14.55 -16.80 14.90
C TRP A 485 -14.15 -16.48 16.32
N HIS A 486 -13.16 -15.61 16.53
CA HIS A 486 -12.89 -15.00 17.86
C HIS A 486 -14.13 -14.17 18.28
N PHE A 487 -14.82 -13.60 17.31
CA PHE A 487 -15.90 -12.58 17.47
C PHE A 487 -17.28 -13.22 17.41
N ASP A 488 -18.32 -12.42 17.69
CA ASP A 488 -19.71 -12.91 17.66
C ASP A 488 -20.12 -13.26 16.21
N ALA A 489 -21.30 -13.83 16.08
CA ALA A 489 -21.72 -14.41 14.78
C ALA A 489 -21.83 -13.32 13.71
N VAL A 490 -22.26 -12.12 14.06
CA VAL A 490 -22.45 -11.00 13.10
C VAL A 490 -21.06 -10.59 12.60
N ILE A 491 -20.14 -10.36 13.54
CA ILE A 491 -18.79 -9.89 13.21
C ILE A 491 -18.08 -10.98 12.38
N GLU A 492 -18.19 -12.22 12.81
CA GLU A 492 -17.51 -13.36 12.15
C GLU A 492 -17.96 -13.40 10.69
N GLN A 493 -19.28 -13.37 10.44
CA GLN A 493 -19.80 -13.55 9.04
C GLN A 493 -19.30 -12.39 8.18
N SER A 494 -19.31 -11.18 8.72
CA SER A 494 -18.83 -9.99 7.97
C SER A 494 -17.33 -10.11 7.67
N MET A 495 -16.51 -10.50 8.64
CA MET A 495 -15.08 -10.70 8.37
C MET A 495 -14.90 -11.76 7.27
N ILE A 496 -15.62 -12.87 7.34
CA ILE A 496 -15.51 -13.95 6.34
C ILE A 496 -15.89 -13.39 4.96
N ASP A 497 -16.96 -12.61 4.88
CA ASP A 497 -17.39 -12.00 3.59
C ASP A 497 -16.29 -11.07 3.06
N PHE A 498 -15.68 -10.19 3.88
CA PHE A 498 -14.58 -9.30 3.42
C PHE A 498 -13.35 -10.12 3.02
N LEU A 499 -13.01 -11.17 3.76
CA LEU A 499 -11.79 -11.96 3.47
C LEU A 499 -11.98 -12.68 2.11
N GLN A 500 -13.18 -13.16 1.84
CA GLN A 500 -13.52 -13.78 0.53
C GLN A 500 -13.41 -12.69 -0.54
N LEU A 501 -13.90 -11.49 -0.24
CA LEU A 501 -13.88 -10.39 -1.24
C LEU A 501 -12.44 -10.06 -1.64
N ARG A 502 -11.48 -10.16 -0.71
CA ARG A 502 -10.06 -9.89 -1.03
C ARG A 502 -9.61 -10.81 -2.19
N HIS A 503 -9.92 -12.12 -2.11
CA HIS A 503 -9.56 -13.13 -3.15
C HIS A 503 -10.34 -12.87 -4.45
N GLN A 504 -11.57 -12.39 -4.36
CA GLN A 504 -12.32 -11.92 -5.56
C GLN A 504 -11.60 -10.77 -6.25
N LEU A 505 -10.88 -9.94 -5.48
CA LEU A 505 -10.21 -8.73 -5.98
C LEU A 505 -8.82 -9.09 -6.51
N ILE A 506 -8.34 -10.31 -6.34
CA ILE A 506 -6.93 -10.58 -6.74
C ILE A 506 -6.75 -10.25 -8.23
N PRO A 507 -7.60 -10.66 -9.19
CA PRO A 507 -7.35 -10.26 -10.57
C PRO A 507 -7.14 -8.75 -10.72
N TYR A 508 -8.03 -7.93 -10.14
CA TYR A 508 -7.93 -6.45 -10.22
C TYR A 508 -6.62 -5.97 -9.61
N LEU A 509 -6.23 -6.56 -8.47
CA LEU A 509 -5.01 -6.20 -7.73
C LEU A 509 -3.79 -6.56 -8.57
N TYR A 510 -3.79 -7.73 -9.22
CA TYR A 510 -2.58 -8.25 -9.87
C TYR A 510 -2.38 -7.43 -11.15
N SER A 511 -3.47 -7.04 -11.80
CA SER A 511 -3.38 -6.17 -13.01
C SER A 511 -2.83 -4.79 -12.60
N ALA A 512 -3.28 -4.22 -11.48
CA ALA A 512 -2.74 -2.92 -10.98
C ALA A 512 -1.26 -3.07 -10.60
N ASN A 513 -0.89 -4.20 -10.01
CA ASN A 513 0.50 -4.52 -9.69
C ASN A 513 1.35 -4.45 -10.96
N LEU A 514 0.94 -5.13 -12.02
CA LEU A 514 1.76 -5.07 -13.26
C LEU A 514 1.82 -3.61 -13.75
N ILE A 515 0.77 -2.83 -13.53
CA ILE A 515 0.75 -1.39 -13.96
C ILE A 515 1.71 -0.58 -13.10
N THR A 516 1.79 -0.87 -11.80
CA THR A 516 2.82 -0.22 -10.95
C THR A 516 4.22 -0.48 -11.52
N ALA A 517 4.54 -1.75 -11.76
CA ALA A 517 5.87 -2.23 -12.24
C ALA A 517 6.15 -1.70 -13.65
N SER A 518 5.18 -1.69 -14.57
CA SER A 518 5.47 -1.29 -15.98
C SER A 518 5.26 0.20 -16.19
N GLU A 519 4.32 0.87 -15.50
CA GLU A 519 3.96 2.27 -15.85
C GLU A 519 4.15 3.27 -14.70
N GLY A 520 4.49 2.84 -13.49
CA GLY A 520 4.81 3.78 -12.42
C GLY A 520 3.57 4.43 -11.83
N ARG A 521 2.44 3.75 -11.97
CA ARG A 521 1.18 4.19 -11.31
C ARG A 521 0.89 3.36 -10.05
N ALA A 522 0.69 4.05 -8.93
CA ALA A 522 0.31 3.44 -7.61
C ALA A 522 -1.06 2.80 -7.69
N LEU A 523 -1.25 1.66 -7.03
CA LEU A 523 -2.59 1.08 -6.76
C LEU A 523 -3.42 2.10 -5.95
N VAL A 524 -2.84 2.59 -4.85
CA VAL A 524 -3.56 3.53 -3.95
C VAL A 524 -3.10 4.93 -4.26
N GLU A 525 -4.02 5.79 -4.72
CA GLU A 525 -3.67 7.19 -5.02
C GLU A 525 -4.46 8.13 -4.13
N PRO A 526 -3.84 9.18 -3.59
CA PRO A 526 -4.63 10.25 -3.03
C PRO A 526 -5.55 10.86 -4.09
N LEU A 527 -6.64 11.49 -3.65
CA LEU A 527 -7.67 12.06 -4.56
C LEU A 527 -7.01 13.10 -5.47
N TYR A 528 -6.02 13.85 -4.95
CA TYR A 528 -5.39 14.98 -5.68
C TYR A 528 -4.53 14.47 -6.86
N TYR A 529 -4.19 13.19 -6.98
CA TYR A 529 -3.52 12.68 -8.21
C TYR A 529 -4.50 12.81 -9.41
N GLU A 530 -5.76 12.45 -9.24
CA GLU A 530 -6.77 12.52 -10.31
C GLU A 530 -7.38 13.92 -10.39
N TYR A 531 -7.45 14.67 -9.28
CA TYR A 531 -8.22 15.92 -9.17
C TYR A 531 -7.35 17.01 -8.56
N PRO A 532 -6.20 17.31 -9.19
CA PRO A 532 -5.22 18.20 -8.58
C PRO A 532 -5.69 19.63 -8.30
N MET A 533 -6.67 20.11 -9.07
CA MET A 533 -7.14 21.51 -8.99
C MET A 533 -8.43 21.58 -8.15
N GLU A 534 -8.91 20.49 -7.56
CA GLU A 534 -10.17 20.53 -6.77
C GLU A 534 -9.78 20.67 -5.30
N GLU A 535 -10.17 21.75 -4.63
CA GLU A 535 -9.76 21.93 -3.22
C GLU A 535 -10.22 20.72 -2.38
N GLU A 536 -11.39 20.14 -2.67
CA GLU A 536 -12.00 19.06 -1.86
C GLU A 536 -11.12 17.80 -1.96
N ALA A 537 -10.24 17.68 -2.96
CA ALA A 537 -9.38 16.49 -3.09
C ALA A 537 -8.27 16.53 -2.04
N TYR A 538 -8.09 17.67 -1.38
CA TYR A 538 -7.06 17.86 -0.33
C TYR A 538 -7.77 17.82 1.05
N GLN A 539 -9.08 17.61 1.12
CA GLN A 539 -9.82 17.74 2.41
C GLN A 539 -10.41 16.41 2.87
N HIS A 540 -10.05 15.31 2.24
CA HIS A 540 -10.61 13.98 2.58
C HIS A 540 -9.43 13.02 2.71
N ARG A 541 -8.66 13.23 3.76
CA ARG A 541 -7.35 12.58 4.00
C ARG A 541 -7.43 11.06 3.83
N ASN A 542 -8.53 10.44 4.21
CA ASN A 542 -8.68 8.96 4.28
C ASN A 542 -9.34 8.41 3.02
N GLN A 543 -9.74 9.29 2.12
CA GLN A 543 -10.40 8.91 0.85
C GLN A 543 -9.32 8.69 -0.22
N TYR A 544 -9.51 7.71 -1.09
CA TYR A 544 -8.48 7.41 -2.10
C TYR A 544 -9.10 6.69 -3.31
N LEU A 545 -8.34 6.68 -4.40
CA LEU A 545 -8.61 5.83 -5.57
C LEU A 545 -7.88 4.51 -5.34
N PHE A 546 -8.54 3.41 -5.68
CA PHE A 546 -8.02 2.04 -5.54
C PHE A 546 -8.06 1.46 -6.96
N GLY A 547 -6.92 1.39 -7.63
CA GLY A 547 -6.87 1.09 -9.06
C GLY A 547 -7.54 2.23 -9.78
N GLU A 548 -8.05 1.98 -10.95
CA GLU A 548 -8.61 3.07 -11.82
C GLU A 548 -10.13 3.06 -11.76
N GLN A 549 -10.76 2.06 -11.15
CA GLN A 549 -12.22 1.94 -11.30
C GLN A 549 -12.96 2.20 -9.97
N LEU A 550 -12.28 2.23 -8.83
CA LEU A 550 -12.95 2.25 -7.49
C LEU A 550 -12.42 3.42 -6.68
N MET A 551 -13.31 4.03 -5.91
CA MET A 551 -12.98 5.13 -4.97
C MET A 551 -13.49 4.66 -3.59
N VAL A 552 -12.61 4.69 -2.61
CA VAL A 552 -12.85 4.10 -1.25
C VAL A 552 -12.86 5.22 -0.21
N ALA A 553 -13.83 5.19 0.70
CA ALA A 553 -13.93 6.15 1.82
C ALA A 553 -14.16 5.31 3.06
N PRO A 554 -13.11 4.67 3.63
CA PRO A 554 -13.31 3.80 4.78
C PRO A 554 -13.91 4.58 5.97
N ILE A 555 -14.68 3.86 6.77
CA ILE A 555 -15.20 4.42 8.03
C ILE A 555 -14.16 4.03 9.08
N THR A 556 -13.66 5.03 9.78
CA THR A 556 -12.58 4.85 10.78
C THR A 556 -12.99 5.49 12.09
N GLU A 557 -14.28 5.62 12.34
CA GLU A 557 -14.81 6.15 13.62
C GLU A 557 -15.86 5.19 14.17
N LYS A 558 -15.88 5.00 15.49
CA LYS A 558 -16.90 4.16 16.16
C LYS A 558 -18.30 4.65 15.79
N MET A 559 -19.20 3.71 15.51
CA MET A 559 -20.60 4.04 15.12
C MET A 559 -21.26 4.92 16.21
N ASN A 560 -22.19 5.74 15.77
CA ASN A 560 -23.15 6.49 16.62
C ASN A 560 -24.21 5.48 17.07
N SER A 561 -24.30 5.14 18.36
CA SER A 561 -25.19 4.06 18.88
C SER A 561 -26.67 4.40 18.65
N LEU A 562 -27.03 5.68 18.57
CA LEU A 562 -28.38 6.10 18.23
C LEU A 562 -28.73 5.69 16.79
N LEU A 563 -27.77 5.72 15.85
CA LEU A 563 -28.10 5.34 14.44
C LEU A 563 -27.81 3.86 14.17
N GLN A 564 -26.99 3.23 15.03
CA GLN A 564 -26.41 1.91 14.77
C GLN A 564 -25.64 1.93 13.43
N MET A 565 -25.02 3.06 13.12
CA MET A 565 -24.24 3.23 11.85
C MET A 565 -23.03 4.13 12.09
N GLY A 566 -21.93 3.84 11.40
CA GLY A 566 -20.76 4.73 11.32
C GLY A 566 -20.89 5.63 10.12
N SER A 567 -20.06 6.67 10.06
CA SER A 567 -20.16 7.64 8.95
C SER A 567 -18.77 8.11 8.58
N VAL A 568 -18.71 8.74 7.41
CA VAL A 568 -17.51 9.43 6.85
C VAL A 568 -18.03 10.46 5.85
N GLU A 569 -17.43 11.63 5.81
CA GLU A 569 -17.73 12.64 4.78
C GLU A 569 -16.97 12.26 3.51
N VAL A 570 -17.73 12.07 2.45
CA VAL A 570 -17.23 11.66 1.11
C VAL A 570 -17.34 12.86 0.18
N TRP A 571 -16.26 13.13 -0.54
CA TRP A 571 -16.30 14.05 -1.67
C TRP A 571 -16.59 13.23 -2.93
N PHE A 572 -17.65 13.55 -3.64
CA PHE A 572 -17.97 12.85 -4.89
C PHE A 572 -17.51 13.77 -6.00
N PRO A 573 -16.46 13.40 -6.78
CA PRO A 573 -16.15 14.18 -8.00
C PRO A 573 -17.34 14.30 -8.98
N GLU A 574 -17.29 15.29 -9.88
CA GLU A 574 -18.24 15.46 -11.01
C GLU A 574 -18.54 14.08 -11.60
N GLY A 575 -19.81 13.77 -11.89
CA GLY A 575 -20.20 12.50 -12.52
C GLY A 575 -21.18 11.75 -11.64
N THR A 576 -21.70 10.64 -12.12
CA THR A 576 -22.63 9.76 -11.38
C THR A 576 -21.81 8.63 -10.78
N TRP A 577 -21.96 8.43 -9.47
CA TRP A 577 -21.24 7.41 -8.68
C TRP A 577 -22.24 6.43 -8.10
N TYR A 578 -21.83 5.19 -7.97
CA TYR A 578 -22.68 4.11 -7.42
C TYR A 578 -21.90 3.54 -6.25
N ASP A 579 -22.55 3.24 -5.14
CA ASP A 579 -21.96 2.34 -4.14
C ASP A 579 -21.67 1.00 -4.82
N PHE A 580 -20.45 0.56 -4.73
CA PHE A 580 -19.99 -0.68 -5.38
C PHE A 580 -20.82 -1.88 -4.93
N PHE A 581 -21.31 -1.89 -3.69
CA PHE A 581 -22.02 -3.09 -3.14
C PHE A 581 -23.52 -3.00 -3.40
N SER A 582 -24.11 -1.82 -3.22
CA SER A 582 -25.59 -1.68 -3.14
C SER A 582 -26.16 -1.10 -4.43
N GLY A 583 -25.38 -0.37 -5.21
CA GLY A 583 -25.90 0.40 -6.35
C GLY A 583 -26.44 1.77 -5.94
N GLN A 584 -26.40 2.15 -4.66
CA GLN A 584 -26.99 3.44 -4.22
C GLN A 584 -26.30 4.51 -5.04
N PRO A 585 -27.05 5.40 -5.74
CA PRO A 585 -26.45 6.42 -6.59
C PRO A 585 -26.15 7.75 -5.87
N TYR A 586 -25.15 8.45 -6.38
CA TYR A 586 -24.74 9.81 -5.95
C TYR A 586 -24.37 10.68 -7.16
N ASP A 587 -25.04 11.83 -7.26
CA ASP A 587 -24.71 12.87 -8.26
C ASP A 587 -23.58 13.77 -7.71
N GLY A 588 -22.39 13.68 -8.32
CA GLY A 588 -21.29 14.62 -8.07
C GLY A 588 -21.57 15.91 -8.80
N LYS A 589 -20.84 16.98 -8.54
CA LYS A 589 -19.84 17.11 -7.51
C LYS A 589 -20.55 17.52 -6.22
N VAL A 590 -20.27 16.84 -5.10
CA VAL A 590 -20.91 17.13 -3.79
C VAL A 590 -20.02 16.59 -2.68
N SER A 591 -20.03 17.23 -1.51
CA SER A 591 -19.48 16.63 -0.26
C SER A 591 -20.66 16.23 0.63
N LEU A 592 -20.71 14.97 1.01
CA LEU A 592 -21.92 14.38 1.60
C LEU A 592 -21.48 13.39 2.68
N LYS A 593 -22.09 13.46 3.84
CA LYS A 593 -21.83 12.49 4.92
C LYS A 593 -22.59 11.23 4.60
N VAL A 594 -21.89 10.09 4.59
CA VAL A 594 -22.50 8.78 4.29
C VAL A 594 -22.37 7.87 5.50
N TYR A 595 -23.43 7.11 5.70
CA TYR A 595 -23.67 6.26 6.89
C TYR A 595 -23.72 4.82 6.42
N ARG A 596 -23.07 3.93 7.16
CA ARG A 596 -23.10 2.49 6.86
C ARG A 596 -23.20 1.72 8.18
N GLU A 597 -23.92 0.62 8.13
CA GLU A 597 -23.83 -0.39 9.22
C GLU A 597 -22.39 -0.87 9.36
N ILE A 598 -22.09 -1.53 10.46
CA ILE A 598 -20.70 -1.90 10.74
C ILE A 598 -20.27 -2.95 9.72
N THR A 599 -21.22 -3.67 9.14
CA THR A 599 -20.93 -4.75 8.17
C THR A 599 -20.76 -4.21 6.74
N GLU A 600 -20.87 -2.91 6.50
CA GLU A 600 -20.85 -2.37 5.12
C GLU A 600 -19.81 -1.25 5.01
N MET A 601 -19.15 -1.12 3.87
CA MET A 601 -18.02 -0.18 3.64
C MET A 601 -18.31 0.73 2.45
N PRO A 602 -18.03 2.05 2.53
CA PRO A 602 -18.29 2.98 1.40
C PRO A 602 -17.21 2.78 0.34
N VAL A 603 -17.57 2.11 -0.75
CA VAL A 603 -16.72 1.93 -1.94
C VAL A 603 -17.60 2.26 -3.13
N PHE A 604 -17.08 3.06 -4.05
CA PHE A 604 -17.89 3.70 -5.10
C PHE A 604 -17.23 3.45 -6.45
N ALA A 605 -18.07 3.30 -7.49
CA ALA A 605 -17.65 3.17 -8.91
C ALA A 605 -18.44 4.20 -9.74
N LYS A 606 -17.81 4.81 -10.74
CA LYS A 606 -18.46 5.75 -11.69
C LYS A 606 -19.38 4.98 -12.65
N ALA A 607 -20.43 5.64 -13.19
CA ALA A 607 -21.12 5.19 -14.42
C ALA A 607 -20.02 4.78 -15.42
N GLY A 608 -20.11 3.58 -15.98
CA GLY A 608 -19.18 3.07 -17.01
C GLY A 608 -18.11 2.18 -16.44
N ALA A 609 -18.03 2.07 -15.11
CA ALA A 609 -16.96 1.29 -14.46
C ALA A 609 -17.12 -0.18 -14.82
N ILE A 610 -16.02 -0.87 -15.03
CA ILE A 610 -15.99 -2.34 -15.26
C ILE A 610 -14.97 -2.88 -14.29
N ILE A 611 -15.40 -3.77 -13.41
CA ILE A 611 -14.50 -4.42 -12.44
C ILE A 611 -14.60 -5.92 -12.66
N PRO A 612 -13.47 -6.58 -12.91
CA PRO A 612 -13.43 -8.03 -12.90
C PRO A 612 -13.30 -8.53 -11.45
N LEU A 613 -13.90 -9.68 -11.18
CA LEU A 613 -13.90 -10.42 -9.90
C LEU A 613 -13.69 -11.88 -10.24
N ASP A 614 -12.86 -12.53 -9.44
CA ASP A 614 -12.77 -14.01 -9.49
C ASP A 614 -14.12 -14.56 -9.08
N LYS A 615 -14.69 -15.47 -9.87
CA LYS A 615 -15.98 -16.11 -9.47
C LYS A 615 -15.69 -17.21 -8.44
N ASN A 616 -14.47 -17.74 -8.37
CA ASN A 616 -14.16 -18.94 -7.56
C ASN A 616 -13.11 -18.63 -6.49
N PRO A 617 -13.32 -17.63 -5.63
CA PRO A 617 -12.25 -17.15 -4.75
C PRO A 617 -11.70 -18.25 -3.82
N LEU A 618 -12.51 -19.25 -3.50
CA LEU A 618 -12.12 -20.36 -2.58
C LEU A 618 -11.32 -21.42 -3.35
N LYS A 619 -11.32 -21.40 -4.67
CA LYS A 619 -10.62 -22.45 -5.44
C LYS A 619 -9.12 -22.15 -5.42
N LYS A 620 -8.31 -23.19 -5.40
CA LYS A 620 -6.83 -23.09 -5.35
C LYS A 620 -6.33 -23.14 -6.80
N GLU A 621 -6.64 -22.07 -7.55
CA GLU A 621 -6.36 -21.93 -9.00
C GLU A 621 -5.21 -20.95 -9.20
N GLU A 622 -4.21 -21.30 -10.02
CA GLU A 622 -3.07 -20.40 -10.36
C GLU A 622 -3.60 -19.11 -11.00
N ILE A 623 -4.51 -19.24 -11.98
CA ILE A 623 -5.26 -18.10 -12.60
C ILE A 623 -6.74 -18.44 -12.63
N PRO A 624 -7.62 -17.45 -12.52
CA PRO A 624 -9.04 -17.77 -12.45
C PRO A 624 -9.51 -18.49 -13.71
N SER A 625 -10.21 -19.60 -13.48
CA SER A 625 -10.94 -20.35 -14.53
C SER A 625 -12.19 -19.56 -14.92
N GLU A 626 -12.64 -18.64 -14.08
CA GLU A 626 -13.92 -17.93 -14.32
C GLU A 626 -13.85 -16.49 -13.80
N ILE A 627 -14.16 -15.49 -14.63
CA ILE A 627 -14.16 -14.05 -14.26
C ILE A 627 -15.58 -13.51 -14.36
N ILE A 628 -16.06 -12.83 -13.32
CA ILE A 628 -17.28 -11.98 -13.33
C ILE A 628 -16.86 -10.59 -13.74
N TRP A 629 -17.48 -10.08 -14.80
CA TRP A 629 -17.33 -8.69 -15.28
C TRP A 629 -18.50 -7.91 -14.71
N LYS A 630 -18.23 -7.04 -13.74
CA LYS A 630 -19.26 -6.24 -13.09
C LYS A 630 -19.25 -4.86 -13.71
N ILE A 631 -20.37 -4.51 -14.30
CA ILE A 631 -20.51 -3.31 -15.15
C ILE A 631 -21.47 -2.35 -14.46
N PHE A 632 -21.10 -1.08 -14.38
CA PHE A 632 -21.93 0.00 -13.81
C PHE A 632 -22.48 0.81 -14.99
N PRO A 633 -23.81 0.96 -15.07
CA PRO A 633 -24.44 1.56 -16.24
C PRO A 633 -24.37 3.07 -16.26
N GLY A 634 -24.63 3.63 -17.44
CA GLY A 634 -24.87 5.07 -17.63
C GLY A 634 -23.75 5.74 -18.38
N ALA A 635 -22.73 5.01 -18.82
CA ALA A 635 -21.64 5.59 -19.62
C ALA A 635 -20.78 4.47 -20.19
N ASP A 636 -19.91 4.84 -21.12
CA ASP A 636 -18.95 3.92 -21.76
C ASP A 636 -17.81 3.65 -20.77
N GLY A 637 -17.08 2.58 -20.96
CA GLY A 637 -15.89 2.35 -20.16
C GLY A 637 -15.07 1.26 -20.76
N GLU A 638 -13.94 0.98 -20.12
CA GLU A 638 -13.11 -0.18 -20.49
C GLU A 638 -12.19 -0.51 -19.34
N TYR A 639 -11.77 -1.75 -19.31
CA TYR A 639 -10.81 -2.28 -18.33
C TYR A 639 -9.90 -3.26 -19.07
N LEU A 640 -8.62 -3.12 -18.86
CA LEU A 640 -7.58 -4.06 -19.36
C LEU A 640 -7.11 -4.93 -18.18
N LEU A 641 -7.45 -6.21 -18.22
CA LEU A 641 -6.98 -7.26 -17.28
C LEU A 641 -5.63 -7.84 -17.73
N LEU A 642 -4.53 -7.34 -17.15
CA LEU A 642 -3.18 -7.91 -17.33
C LEU A 642 -3.04 -9.14 -16.44
N GLU A 643 -2.48 -10.24 -16.99
CA GLU A 643 -2.19 -11.50 -16.26
C GLU A 643 -0.77 -11.99 -16.59
N GLU A 644 -0.30 -13.03 -15.88
CA GLU A 644 1.06 -13.63 -16.06
C GLU A 644 1.26 -13.88 -17.56
N ASP A 645 0.26 -14.49 -18.21
CA ASP A 645 0.37 -15.08 -19.56
C ASP A 645 -0.76 -14.61 -20.49
N ASN A 646 -1.28 -13.39 -20.31
CA ASN A 646 -2.39 -12.88 -21.16
C ASN A 646 -2.73 -11.42 -20.89
N GLU A 647 -3.53 -10.85 -21.78
CA GLU A 647 -4.19 -9.54 -21.64
C GLU A 647 -5.62 -9.65 -22.17
N THR A 648 -6.62 -9.27 -21.38
CA THR A 648 -8.06 -9.33 -21.74
C THR A 648 -8.64 -7.94 -21.63
N LYS A 649 -9.19 -7.44 -22.71
CA LYS A 649 -9.83 -6.12 -22.78
C LYS A 649 -11.34 -6.31 -22.73
N ALA A 650 -11.98 -5.58 -21.83
CA ALA A 650 -13.44 -5.45 -21.66
C ALA A 650 -13.80 -4.03 -22.03
N GLU A 651 -14.68 -3.87 -23.01
CA GLU A 651 -15.06 -2.54 -23.56
C GLU A 651 -16.55 -2.36 -23.40
N PHE A 652 -17.03 -1.18 -23.01
CA PHE A 652 -18.48 -0.90 -22.93
C PHE A 652 -18.72 0.39 -23.69
N VAL A 653 -19.24 0.26 -24.92
CA VAL A 653 -19.34 1.38 -25.90
C VAL A 653 -20.77 1.38 -26.49
N ASN A 654 -21.51 2.47 -26.30
CA ASN A 654 -22.95 2.62 -26.62
C ASN A 654 -23.70 1.32 -26.30
N GLY A 655 -23.63 0.84 -25.06
CA GLY A 655 -24.36 -0.35 -24.57
C GLY A 655 -23.91 -1.68 -25.17
N ILE A 656 -22.79 -1.72 -25.87
CA ILE A 656 -22.24 -3.01 -26.40
C ILE A 656 -21.05 -3.34 -25.51
N PHE A 657 -21.06 -4.53 -24.93
CA PHE A 657 -19.96 -5.02 -24.07
C PHE A 657 -19.19 -6.07 -24.89
N THR A 658 -17.90 -5.83 -25.11
CA THR A 658 -17.02 -6.79 -25.80
C THR A 658 -15.86 -7.22 -24.90
N VAL A 659 -15.57 -8.54 -24.90
CA VAL A 659 -14.36 -9.14 -24.30
C VAL A 659 -13.52 -9.79 -25.39
N THR A 660 -12.26 -9.37 -25.52
CA THR A 660 -11.22 -10.00 -26.38
C THR A 660 -10.00 -10.33 -25.52
N SER A 661 -9.16 -11.26 -25.94
CA SER A 661 -7.85 -11.53 -25.29
C SER A 661 -6.74 -11.61 -26.34
N LYS A 662 -5.49 -11.34 -25.95
CA LYS A 662 -4.29 -11.54 -26.80
C LYS A 662 -4.26 -13.01 -27.21
N LYS A 663 -4.17 -13.93 -26.25
CA LYS A 663 -4.16 -15.40 -26.48
C LYS A 663 -5.56 -15.92 -26.18
N GLU A 664 -5.98 -17.05 -26.74
CA GLU A 664 -7.29 -17.71 -26.47
C GLU A 664 -7.19 -18.52 -25.18
N SER A 665 -8.32 -18.89 -24.54
CA SER A 665 -8.31 -19.85 -23.40
C SER A 665 -9.70 -20.44 -23.15
N SER A 666 -9.73 -21.42 -22.26
CA SER A 666 -10.95 -22.08 -21.72
C SER A 666 -11.66 -21.17 -20.70
N ARG A 667 -11.08 -20.03 -20.32
CA ARG A 667 -11.68 -19.20 -19.25
C ARG A 667 -13.15 -18.96 -19.60
N LYS A 668 -14.03 -19.12 -18.62
CA LYS A 668 -15.49 -18.84 -18.72
C LYS A 668 -15.79 -17.47 -18.10
N HIS A 669 -16.46 -16.62 -18.87
CA HIS A 669 -16.81 -15.23 -18.51
C HIS A 669 -18.24 -15.20 -18.02
N THR A 670 -18.47 -14.56 -16.88
CA THR A 670 -19.82 -14.19 -16.38
C THR A 670 -19.97 -12.67 -16.47
N ILE A 671 -21.13 -12.19 -16.87
CA ILE A 671 -21.40 -10.74 -17.04
C ILE A 671 -22.51 -10.36 -16.08
N ILE A 672 -22.28 -9.30 -15.32
CA ILE A 672 -23.32 -8.73 -14.41
C ILE A 672 -23.46 -7.27 -14.79
N TYR A 673 -24.61 -6.90 -15.36
CA TYR A 673 -24.88 -5.50 -15.79
C TYR A 673 -25.77 -4.87 -14.71
N GLY A 674 -25.25 -3.90 -13.96
CA GLY A 674 -25.90 -3.38 -12.74
C GLY A 674 -26.17 -4.52 -11.78
N GLU A 675 -27.44 -4.95 -11.80
CA GLU A 675 -28.11 -5.89 -10.88
C GLU A 675 -27.99 -7.32 -11.41
N HIS A 676 -28.20 -7.52 -12.71
CA HIS A 676 -28.64 -8.82 -13.32
C HIS A 676 -27.44 -9.52 -13.95
N GLU A 677 -27.29 -10.82 -13.66
CA GLU A 677 -26.40 -11.74 -14.39
C GLU A 677 -27.00 -11.94 -15.78
N ILE A 678 -26.34 -11.44 -16.82
CA ILE A 678 -26.83 -11.46 -18.23
C ILE A 678 -26.31 -12.71 -18.93
N VAL A 679 -25.03 -13.03 -18.77
CA VAL A 679 -24.34 -14.20 -19.39
C VAL A 679 -23.71 -14.97 -18.24
N SER A 680 -23.71 -16.30 -18.29
CA SER A 680 -23.11 -17.18 -17.27
C SER A 680 -22.12 -18.15 -17.94
N ALA A 681 -20.85 -18.08 -17.58
CA ALA A 681 -19.81 -19.08 -17.91
C ALA A 681 -19.70 -19.30 -19.43
N LYS A 682 -19.71 -18.22 -20.22
CA LYS A 682 -19.49 -18.25 -21.69
C LYS A 682 -17.98 -18.19 -21.99
N ARG A 683 -17.51 -19.08 -22.87
CA ARG A 683 -16.07 -19.33 -23.16
C ARG A 683 -15.64 -18.35 -24.27
N GLY A 684 -14.33 -18.10 -24.38
CA GLY A 684 -13.68 -17.40 -25.50
C GLY A 684 -14.12 -15.96 -25.65
N GLU A 685 -13.74 -15.34 -26.76
CA GLU A 685 -14.06 -13.92 -27.10
C GLU A 685 -15.52 -13.82 -27.50
N PHE A 686 -16.14 -12.66 -27.25
CA PHE A 686 -17.56 -12.41 -27.60
C PHE A 686 -17.93 -10.95 -27.39
N SER A 687 -19.14 -10.65 -27.85
CA SER A 687 -19.76 -9.31 -27.77
C SER A 687 -21.28 -9.48 -27.59
N ILE A 688 -21.90 -8.68 -26.72
CA ILE A 688 -23.36 -8.79 -26.36
C ILE A 688 -23.93 -7.38 -26.09
N ASP A 689 -25.16 -7.14 -26.54
CA ASP A 689 -25.83 -5.81 -26.50
C ASP A 689 -26.65 -5.72 -25.21
N LEU A 690 -26.44 -4.68 -24.40
CA LEU A 690 -27.11 -4.50 -23.08
C LEU A 690 -28.03 -3.29 -23.11
N ASN A 691 -28.22 -2.67 -24.28
CA ASN A 691 -28.95 -1.37 -24.39
C ASN A 691 -30.32 -1.53 -23.74
N GLY A 692 -31.14 -2.45 -24.27
CA GLY A 692 -32.42 -2.88 -23.68
C GLY A 692 -32.22 -4.03 -22.71
N LYS A 693 -31.30 -3.87 -21.76
CA LYS A 693 -31.23 -4.64 -20.49
C LYS A 693 -31.54 -3.66 -19.35
N GLU A 694 -31.96 -4.18 -18.21
CA GLU A 694 -32.38 -3.32 -17.07
C GLU A 694 -31.09 -2.71 -16.53
N GLU A 695 -31.00 -1.38 -16.64
CA GLU A 695 -29.83 -0.51 -16.33
C GLU A 695 -29.82 -0.17 -14.83
N ASN A 696 -31.00 -0.02 -14.24
CA ASN A 696 -31.24 0.44 -12.84
C ASN A 696 -30.93 -0.71 -11.88
N PHE A 697 -30.22 -0.39 -10.79
CA PHE A 697 -30.04 -1.28 -9.61
C PHE A 697 -31.37 -1.33 -8.85
N ASP A 698 -31.47 -2.30 -7.94
CA ASP A 698 -32.59 -2.48 -6.99
C ASP A 698 -32.66 -1.31 -5.98
N TRP A 699 -31.52 -0.84 -5.45
CA TRP A 699 -31.46 0.11 -4.31
C TRP A 699 -32.64 1.06 -4.43
N ASN A 700 -33.46 1.21 -3.39
CA ASN A 700 -34.50 2.24 -3.47
C ASN A 700 -34.57 2.97 -2.13
N PHE A 701 -34.99 4.20 -2.24
CA PHE A 701 -35.15 5.12 -1.13
C PHE A 701 -36.00 4.47 -0.03
N SER A 702 -37.12 3.85 -0.39
CA SER A 702 -38.10 3.41 0.64
C SER A 702 -37.52 2.31 1.49
N THR A 703 -36.93 1.30 0.87
CA THR A 703 -36.36 0.14 1.57
C THR A 703 -35.24 0.65 2.48
N ALA A 704 -34.36 1.48 1.96
CA ALA A 704 -33.19 2.01 2.70
C ALA A 704 -33.66 2.85 3.89
N LEU A 705 -34.65 3.72 3.69
CA LEU A 705 -35.26 4.56 4.76
C LEU A 705 -35.78 3.63 5.87
N PHE A 706 -36.59 2.61 5.53
CA PHE A 706 -37.20 1.68 6.50
C PHE A 706 -36.08 1.03 7.32
N ARG A 707 -35.02 0.55 6.66
CA ARG A 707 -33.90 -0.16 7.31
C ARG A 707 -33.20 0.78 8.31
N ARG A 708 -32.94 2.02 7.91
CA ARG A 708 -32.18 2.96 8.78
C ARG A 708 -33.03 3.27 10.02
N LEU A 709 -34.32 3.54 9.82
CA LEU A 709 -35.22 3.83 10.97
C LEU A 709 -35.32 2.58 11.87
N ASP A 710 -35.36 1.38 11.30
CA ASP A 710 -35.60 0.13 12.06
C ASP A 710 -34.44 -0.19 13.00
N ILE A 711 -33.22 0.01 12.54
CA ILE A 711 -32.02 -0.31 13.38
C ILE A 711 -31.78 0.81 14.39
N ALA A 712 -32.25 2.03 14.16
CA ALA A 712 -31.90 3.17 15.04
C ALA A 712 -32.39 2.93 16.49
N GLU A 713 -31.57 3.25 17.48
CA GLU A 713 -31.93 3.23 18.92
C GLU A 713 -32.48 4.61 19.26
N ILE A 714 -33.58 4.95 18.60
CA ILE A 714 -34.36 6.19 18.83
C ILE A 714 -35.80 5.77 19.23
N SER A 715 -36.61 6.76 19.56
CA SER A 715 -38.01 6.57 19.97
C SER A 715 -38.81 6.06 18.78
N TYR A 716 -39.72 5.14 19.08
CA TYR A 716 -40.65 4.59 18.09
C TYR A 716 -41.59 5.70 17.58
N GLU A 717 -41.95 6.70 18.38
CA GLU A 717 -42.78 7.83 17.91
C GLU A 717 -42.04 8.56 16.78
N GLN A 718 -40.75 8.86 16.99
CA GLN A 718 -39.90 9.49 15.95
C GLN A 718 -39.86 8.59 14.71
N LYS A 719 -39.56 7.30 14.84
CA LYS A 719 -39.52 6.39 13.66
C LYS A 719 -40.84 6.50 12.86
N ASP A 720 -41.97 6.37 13.55
CA ASP A 720 -43.32 6.35 12.95
C ASP A 720 -43.55 7.70 12.24
N GLU A 721 -43.24 8.80 12.88
CA GLU A 721 -43.48 10.11 12.29
C GLU A 721 -42.61 10.29 11.03
N ILE A 722 -41.33 9.89 11.07
CA ILE A 722 -40.39 10.07 9.94
C ILE A 722 -40.89 9.21 8.78
N LEU A 723 -41.24 7.96 9.05
CA LEU A 723 -41.67 7.04 7.97
C LEU A 723 -42.93 7.61 7.33
N GLN A 724 -43.89 8.11 8.14
CA GLN A 724 -45.20 8.56 7.58
C GLN A 724 -45.00 9.85 6.79
N GLN A 725 -44.24 10.81 7.34
CA GLN A 725 -44.05 12.14 6.72
C GLN A 725 -43.26 12.00 5.43
N LEU A 726 -42.21 11.20 5.43
CA LEU A 726 -41.38 11.06 4.19
C LEU A 726 -42.13 10.25 3.11
N SER A 727 -43.06 9.38 3.50
CA SER A 727 -43.95 8.65 2.56
C SER A 727 -45.04 9.57 2.01
N LEU A 728 -45.58 10.50 2.81
CA LEU A 728 -46.75 11.32 2.42
C LEU A 728 -46.29 12.58 1.67
N ILE A 729 -45.13 13.16 2.02
CA ILE A 729 -44.68 14.43 1.39
C ILE A 729 -44.07 14.06 0.04
N GLU A 730 -44.53 14.71 -1.03
CA GLU A 730 -44.20 14.27 -2.41
C GLU A 730 -43.02 15.06 -2.93
N GLU A 731 -42.97 16.37 -2.67
CA GLU A 731 -41.93 17.24 -3.25
C GLU A 731 -40.62 17.04 -2.49
N HIS A 732 -39.56 16.78 -3.24
CA HIS A 732 -38.20 16.51 -2.72
C HIS A 732 -37.76 17.65 -1.78
N GLU A 733 -38.02 18.89 -2.13
CA GLU A 733 -37.59 20.07 -1.33
C GLU A 733 -38.34 20.08 0.02
N LYS A 734 -39.57 19.58 0.08
CA LYS A 734 -40.37 19.56 1.32
C LYS A 734 -39.98 18.35 2.18
N GLN A 735 -39.55 17.24 1.56
CA GLN A 735 -39.00 16.08 2.30
C GLN A 735 -37.74 16.58 3.02
N VAL A 736 -36.90 17.33 2.32
CA VAL A 736 -35.67 17.89 2.90
C VAL A 736 -36.06 18.88 4.00
N ALA A 737 -36.99 19.79 3.76
CA ALA A 737 -37.48 20.73 4.82
C ALA A 737 -37.98 19.94 6.03
N PHE A 738 -38.66 18.81 5.82
CA PHE A 738 -39.19 18.01 6.95
C PHE A 738 -37.98 17.52 7.79
N ILE A 739 -36.97 16.94 7.15
CA ILE A 739 -35.89 16.28 7.94
C ILE A 739 -35.06 17.37 8.63
N LYS A 740 -35.05 18.57 8.07
CA LYS A 740 -34.31 19.75 8.64
C LYS A 740 -34.88 20.15 10.00
N THR A 741 -36.10 19.76 10.33
CA THR A 741 -36.72 20.11 11.63
C THR A 741 -36.31 19.05 12.64
N ASN A 742 -35.62 17.96 12.24
CA ASN A 742 -35.39 16.87 13.24
C ASN A 742 -34.41 17.31 14.32
N GLU A 743 -34.68 17.03 15.59
CA GLU A 743 -33.84 17.43 16.76
C GLU A 743 -32.54 16.60 16.77
N ASN A 744 -32.51 15.44 16.14
CA ASN A 744 -31.26 14.63 16.08
C ASN A 744 -30.45 15.07 14.86
N GLN A 745 -29.35 15.79 15.05
CA GLN A 745 -28.53 16.41 13.96
C GLN A 745 -27.93 15.33 13.07
N GLU A 746 -27.49 14.23 13.66
CA GLU A 746 -26.81 13.19 12.89
C GLU A 746 -27.87 12.37 12.13
N LEU A 747 -29.04 12.18 12.74
CA LEU A 747 -30.17 11.53 12.02
C LEU A 747 -30.55 12.41 10.83
N GLN A 748 -30.59 13.72 10.96
CA GLN A 748 -30.83 14.59 9.78
C GLN A 748 -29.86 14.23 8.66
N ASN A 749 -28.58 14.12 8.99
CA ASN A 749 -27.51 13.89 7.98
C ASN A 749 -27.74 12.52 7.35
N SER A 750 -28.09 11.52 8.11
CA SER A 750 -28.37 10.17 7.56
C SER A 750 -29.57 10.21 6.63
N LEU A 751 -30.64 10.85 7.05
CA LEU A 751 -31.85 10.98 6.19
C LEU A 751 -31.51 11.83 4.95
N PHE A 752 -30.74 12.89 5.09
CA PHE A 752 -30.27 13.72 3.93
C PHE A 752 -29.47 12.90 2.90
N GLU A 753 -28.64 11.96 3.32
CA GLU A 753 -27.90 11.09 2.39
C GLU A 753 -28.91 10.35 1.53
N LEU A 754 -29.95 9.77 2.14
CA LEU A 754 -30.95 8.96 1.40
C LEU A 754 -31.74 9.87 0.45
N LEU A 755 -32.12 11.05 0.89
CA LEU A 755 -32.89 11.97 0.05
C LEU A 755 -32.01 12.40 -1.12
N TYR A 756 -30.69 12.58 -0.87
CA TYR A 756 -29.79 13.11 -1.90
C TYR A 756 -29.65 12.03 -2.98
N SER A 757 -29.49 10.78 -2.55
CA SER A 757 -29.36 9.63 -3.48
C SER A 757 -30.69 9.39 -4.22
N GLY A 758 -31.84 9.62 -3.57
CA GLY A 758 -33.17 9.35 -4.14
C GLY A 758 -33.73 10.54 -4.88
N LYS A 759 -32.96 11.60 -5.09
CA LYS A 759 -33.47 12.90 -5.64
C LYS A 759 -33.74 12.76 -7.15
C1 GLC B . 8.41 -7.37 16.55
C2 GLC B . 7.58 -7.28 15.26
C3 GLC B . 6.21 -7.94 15.41
C4 GLC B . 6.40 -9.39 15.89
C5 GLC B . 7.29 -9.42 17.14
C6 GLC B . 7.67 -10.86 17.49
O1 GLC B . 7.76 -6.66 17.61
O2 GLC B . 7.53 -5.92 14.79
O3 GLC B . 5.56 -7.93 14.14
O4 GLC B . 5.16 -10.06 16.17
O5 GLC B . 8.53 -8.74 16.93
O6 GLC B . 8.39 -11.43 16.38
C2 BGC C . 7.19 -7.38 14.95
C3 BGC C . 5.87 -8.06 15.29
C4 BGC C . 6.17 -9.51 15.70
C5 BGC C . 7.08 -9.49 16.93
C6 BGC C . 7.52 -10.89 17.37
C1 BGC C . 8.07 -7.42 16.19
O1 BGC C . 9.32 -6.76 15.89
O2 BGC C . 7.05 -6.04 14.49
O3 BGC C . 4.99 -8.03 14.19
O4 BGC C . 4.97 -10.23 15.92
O5 BGC C . 8.29 -8.80 16.59
O6 BGC C . 8.41 -11.42 16.39
C1 EDO D . -37.00 10.71 -2.61
O1 EDO D . -37.33 12.07 -2.65
C2 EDO D . -38.07 9.83 -3.08
O2 EDO D . -39.19 9.97 -2.26
C1 EDO E . 17.99 5.87 1.15
O1 EDO E . 17.34 6.69 0.20
C2 EDO E . 19.44 6.13 1.00
O2 EDO E . 19.77 7.38 0.33
C1 EDO F . -18.90 -7.72 2.30
O1 EDO F . -20.03 -8.48 2.66
C2 EDO F . -18.98 -7.19 0.95
O2 EDO F . -18.75 -8.25 0.06
C1 EDO G . -5.51 -22.48 4.32
O1 EDO G . -5.28 -23.78 3.86
C2 EDO G . -6.90 -22.04 4.16
O2 EDO G . -7.16 -21.42 2.91
C1 EDO H . -11.82 11.33 5.77
O1 EDO H . -11.41 11.21 4.42
C2 EDO H . -12.06 12.74 6.15
O2 EDO H . -13.12 13.35 5.42
C1 EDO I . 11.67 21.25 -0.53
O1 EDO I . 11.04 19.93 -0.75
C2 EDO I . 11.12 22.17 0.53
O2 EDO I . 11.29 23.56 0.23
C1 EDO J . 0.87 -25.26 21.15
O1 EDO J . 1.86 -24.58 21.87
C2 EDO J . -0.44 -24.54 21.18
O2 EDO J . -1.06 -24.40 19.91
C1 EDO K . -27.99 10.82 -6.95
O1 EDO K . -27.78 11.94 -6.05
C2 EDO K . -29.26 10.71 -7.74
O2 EDO K . -29.42 11.79 -8.62
#